data_3MWD
#
_entry.id   3MWD
#
_cell.length_a   169.197
_cell.length_b   61.704
_cell.length_c   109.421
_cell.angle_alpha   90.00
_cell.angle_beta   125.00
_cell.angle_gamma   90.00
#
_symmetry.space_group_name_H-M   'C 1 2 1'
#
loop_
_entity.id
_entity.type
_entity.pdbx_description
1 polymer 'ATP-citrate synthase'
2 polymer 'ATP-citrate synthase'
3 non-polymer 'CITRIC ACID'
4 water water
#
loop_
_entity_poly.entity_id
_entity_poly.type
_entity_poly.pdbx_seq_one_letter_code
_entity_poly.pdbx_strand_id
1 'polypeptide(L)'
;(MSE)SAKAISEQTGKELLYKFICTTSAIQNRFKYARVTPDTDWARLLQDHPWLLSQNLVVKPDQLIKRRGKLGLVGVNL
TLDGVKSWLKPRLGQEATVGKATGFLKNFLIEPFVPHSQAEEFYVCIYATREGDYVLFHHEGGVDVGDVDAKAQKLLVGV
DEKLNPEDIKKHLLVHAPEDKKEILASFISGLFNFYEDLYFTYLEINPLVVTKDGVYVLDLAAKVDATADYICKVKWGDI
EFPPPFGREAYPEEAYIADLDAKSGASLKLTLLNPKGRIWT(MSE)VAGGGASVVYSDTICDLGGVNELANYGEYSGAPS
EQQTYDYAKTILSL(MSE)TREKHPDGKILIIGGSIANFTNVAATFKGIVRAIRDYQGPLKEHEVTIFVRRGGPNYQEGL
RV(MSE)GEVGKTTGIPIHVFGTETH(MSE)TAIVG(MSE)ALGHRPIP
;
A
2 'polypeptide(L)'
;GKSTTLFSRHTKAIVWG(MSE)QTRAVQG(MSE)LDFDYVCSRDEPSVAA(MSE)VYPFTGDHKQKFYWGHKEILIPVFK
N(MSE)ADA(MSE)RKHPEVDVLINFASLRSAYDST(MSE)ET(MSE)NYAQIRTIAIIAEGIPEALTRKLIKKADQKGV
TIIGPATVGGIKPGCFKIGNTGG(MSE)LDNILASKLYRPGSVAYVSRSGG(MSE)SNELNNIISRTTDGVYEGVAIGGD
RYPGSTF(MSE)DHVLRYQDTPGVK(MSE)IVVLGEIGGTEEYKICRGIKEGRLTKPIVCWCIGTCAT(MSE)FSSEVQF
GHAGACANQASETAVAKNQALKEAGVFVPRSFDELGEIIQSVYEDLVANGVIVPAQEVPPPT
;
B
#
loop_
_chem_comp.id
_chem_comp.type
_chem_comp.name
_chem_comp.formula
CIT non-polymer 'CITRIC ACID' 'C6 H8 O7'
#
# COMPACT_ATOMS: atom_id res chain seq x y z
N SER A 2 -0.42 -6.78 -0.59
CA SER A 2 0.23 -6.50 -1.85
C SER A 2 0.69 -7.76 -2.56
N ALA A 3 1.03 -7.62 -3.83
CA ALA A 3 1.58 -8.74 -4.60
C ALA A 3 3.01 -9.02 -4.15
N LYS A 4 3.37 -10.29 -3.99
CA LYS A 4 4.72 -10.66 -3.58
C LYS A 4 5.29 -11.73 -4.49
N ALA A 5 6.58 -11.61 -4.82
CA ALA A 5 7.24 -12.60 -5.65
C ALA A 5 7.34 -13.91 -4.89
N ILE A 6 7.33 -15.03 -5.61
CA ILE A 6 7.65 -16.32 -5.05
C ILE A 6 8.81 -16.89 -5.84
N SER A 7 9.51 -17.86 -5.25
CA SER A 7 10.66 -18.46 -5.92
C SER A 7 10.18 -19.23 -7.14
N GLU A 8 11.11 -19.52 -8.05
CA GLU A 8 10.79 -20.34 -9.19
C GLU A 8 10.36 -21.72 -8.75
N GLN A 9 11.04 -22.27 -7.76
CA GLN A 9 10.67 -23.61 -7.28
C GLN A 9 9.26 -23.60 -6.66
N THR A 10 8.92 -22.57 -5.90
CA THR A 10 7.57 -22.50 -5.35
C THR A 10 6.55 -22.47 -6.48
N GLY A 11 6.78 -21.60 -7.47
CA GLY A 11 5.88 -21.47 -8.59
C GLY A 11 5.71 -22.74 -9.40
N LYS A 12 6.81 -23.42 -9.67
CA LYS A 12 6.77 -24.69 -10.41
C LYS A 12 6.04 -25.77 -9.62
N GLU A 13 6.29 -25.84 -8.32
CA GLU A 13 5.62 -26.83 -7.48
C GLU A 13 4.10 -26.65 -7.55
N LEU A 14 3.66 -25.42 -7.36
CA LEU A 14 2.25 -25.11 -7.42
C LEU A 14 1.72 -25.45 -8.80
N LEU A 15 2.43 -25.09 -9.84
CA LEU A 15 1.97 -25.37 -11.18
C LEU A 15 1.85 -26.89 -11.40
N TYR A 16 2.88 -27.65 -11.05
CA TYR A 16 2.82 -29.11 -11.23
C TYR A 16 1.68 -29.71 -10.41
N LYS A 17 1.49 -29.19 -9.21
CA LYS A 17 0.44 -29.71 -8.33
C LYS A 17 -0.98 -29.41 -8.83
N PHE A 18 -1.20 -28.22 -9.40
CA PHE A 18 -2.56 -27.71 -9.54
C PHE A 18 -3.05 -27.39 -10.94
N ILE A 19 -2.15 -27.28 -11.92
CA ILE A 19 -2.60 -27.02 -13.28
C ILE A 19 -3.40 -28.21 -13.81
N CYS A 20 -4.45 -27.91 -14.55
CA CYS A 20 -5.32 -28.93 -15.12
CA CYS A 20 -5.31 -28.94 -15.12
C CYS A 20 -5.31 -28.76 -16.63
N THR A 21 -4.61 -29.63 -17.32
CA THR A 21 -4.50 -29.51 -18.77
C THR A 21 -4.45 -30.88 -19.41
N THR A 22 -5.05 -31.01 -20.58
CA THR A 22 -5.00 -32.28 -21.32
C THR A 22 -3.62 -32.41 -21.95
N SER A 23 -2.96 -31.28 -22.17
CA SER A 23 -1.62 -31.31 -22.75
C SER A 23 -0.62 -31.90 -21.75
N ALA A 24 0.21 -32.82 -22.23
CA ALA A 24 1.10 -33.56 -21.34
C ALA A 24 2.30 -32.71 -20.89
N ILE A 25 2.41 -32.49 -19.58
CA ILE A 25 3.52 -31.72 -19.02
C ILE A 25 4.64 -32.64 -18.56
N GLN A 26 5.85 -32.42 -19.09
CA GLN A 26 6.98 -33.30 -18.86
C GLN A 26 7.86 -32.88 -17.68
N ASN A 27 8.54 -33.87 -17.10
CA ASN A 27 9.46 -33.64 -15.99
C ASN A 27 8.80 -33.03 -14.77
N ARG A 28 7.53 -33.34 -14.54
CA ARG A 28 6.84 -32.85 -13.37
C ARG A 28 7.61 -33.18 -12.09
N PHE A 29 7.73 -32.18 -11.20
CA PHE A 29 8.39 -32.38 -9.92
C PHE A 29 9.89 -32.73 -9.97
N LYS A 30 10.48 -32.80 -11.15
CA LYS A 30 11.91 -33.13 -11.25
C LYS A 30 12.78 -31.92 -11.00
N TYR A 31 12.91 -31.53 -9.74
CA TYR A 31 13.77 -30.43 -9.34
C TYR A 31 14.38 -30.74 -7.97
N ALA A 32 15.60 -30.27 -7.76
CA ALA A 32 16.26 -30.44 -6.47
C ALA A 32 16.85 -29.11 -6.00
N ARG A 33 16.62 -28.78 -4.75
CA ARG A 33 17.11 -27.53 -4.20
C ARG A 33 18.44 -27.73 -3.48
N VAL A 34 19.39 -26.84 -3.76
CA VAL A 34 20.72 -26.94 -3.19
C VAL A 34 21.08 -25.64 -2.48
N THR A 35 21.57 -25.78 -1.24
CA THR A 35 22.10 -24.66 -0.47
C THR A 35 23.48 -25.06 0.07
N PRO A 36 24.15 -24.14 0.79
CA PRO A 36 25.48 -24.48 1.33
C PRO A 36 25.39 -25.51 2.46
N ASP A 37 24.20 -25.76 2.96
CA ASP A 37 23.99 -26.71 4.04
C ASP A 37 23.44 -28.04 3.53
N THR A 38 23.55 -28.26 2.22
CA THR A 38 22.98 -29.45 1.62
C THR A 38 23.82 -30.70 1.89
N ASP A 39 23.18 -31.77 2.36
CA ASP A 39 23.84 -33.05 2.50
C ASP A 39 23.76 -33.77 1.17
N TRP A 40 24.88 -33.83 0.44
CA TRP A 40 24.84 -34.34 -0.93
C TRP A 40 24.55 -35.83 -1.11
N ALA A 41 24.96 -36.66 -0.15
CA ALA A 41 24.61 -38.08 -0.22
C ALA A 41 23.10 -38.27 -0.01
N ARG A 42 22.54 -37.49 0.92
CA ARG A 42 21.11 -37.54 1.20
C ARG A 42 20.29 -37.05 0.02
N LEU A 43 20.79 -36.00 -0.65
CA LEU A 43 20.10 -35.41 -1.80
C LEU A 43 20.06 -36.40 -2.95
N LEU A 44 21.16 -37.10 -3.15
CA LEU A 44 21.24 -38.06 -4.23
C LEU A 44 20.25 -39.21 -4.00
N GLN A 45 20.17 -39.67 -2.75
CA GLN A 45 19.25 -40.75 -2.41
C GLN A 45 17.79 -40.31 -2.51
N ASP A 46 17.54 -39.00 -2.38
CA ASP A 46 16.18 -38.47 -2.47
C ASP A 46 15.80 -38.09 -3.90
N HIS A 47 16.80 -37.97 -4.76
CA HIS A 47 16.55 -37.64 -6.16
C HIS A 47 17.44 -38.47 -7.05
N PRO A 48 17.19 -39.79 -7.06
CA PRO A 48 18.04 -40.69 -7.85
C PRO A 48 18.08 -40.30 -9.31
N TRP A 49 17.09 -39.53 -9.78
CA TRP A 49 17.04 -39.12 -11.18
C TRP A 49 18.22 -38.23 -11.57
N LEU A 50 18.88 -37.66 -10.58
CA LEU A 50 20.08 -36.85 -10.81
C LEU A 50 21.19 -37.62 -11.52
N LEU A 51 21.11 -38.96 -11.53
CA LEU A 51 22.13 -39.77 -12.19
C LEU A 51 21.69 -40.24 -13.57
N SER A 52 20.39 -40.15 -13.86
CA SER A 52 19.82 -40.72 -15.08
C SER A 52 20.07 -39.92 -16.35
N GLN A 53 20.49 -38.66 -16.21
CA GLN A 53 20.69 -37.79 -17.38
C GLN A 53 21.40 -36.49 -17.01
N ASN A 54 21.77 -35.70 -18.01
CA ASN A 54 22.48 -34.46 -17.74
C ASN A 54 21.54 -33.39 -17.16
N LEU A 55 22.13 -32.36 -16.59
CA LEU A 55 21.41 -31.47 -15.69
C LEU A 55 21.57 -30.00 -16.07
N VAL A 56 20.77 -29.17 -15.42
CA VAL A 56 20.94 -27.72 -15.49
C VAL A 56 20.87 -27.22 -14.06
N VAL A 57 21.73 -26.27 -13.74
CA VAL A 57 21.78 -25.73 -12.39
C VAL A 57 21.83 -24.20 -12.51
N LYS A 58 21.08 -23.51 -11.66
CA LYS A 58 20.97 -22.05 -11.70
C LYS A 58 20.50 -21.54 -10.35
N PRO A 59 20.85 -20.29 -10.01
CA PRO A 59 20.37 -19.73 -8.75
C PRO A 59 18.87 -19.47 -8.79
N ASP A 60 18.18 -19.69 -7.67
CA ASP A 60 16.75 -19.41 -7.56
C ASP A 60 16.57 -18.40 -6.42
N GLN A 61 16.82 -17.13 -6.74
CA GLN A 61 16.84 -16.01 -5.77
C GLN A 61 16.31 -14.73 -6.40
N LEU A 62 15.37 -14.86 -7.34
CA LEU A 62 14.70 -13.72 -7.97
C LEU A 62 15.69 -12.84 -8.73
N ILE A 63 16.66 -13.46 -9.39
CA ILE A 63 17.55 -12.79 -10.32
C ILE A 63 17.01 -13.02 -11.72
N LYS A 64 16.93 -11.95 -12.52
CA LYS A 64 16.50 -12.08 -13.92
C LYS A 64 17.67 -12.18 -14.90
N ARG A 65 17.39 -12.73 -16.08
CA ARG A 65 18.40 -12.83 -17.15
C ARG A 65 19.56 -13.72 -16.76
N ARG A 66 19.28 -14.78 -16.00
CA ARG A 66 20.34 -15.67 -15.50
C ARG A 66 21.15 -16.25 -16.66
N GLY A 67 20.46 -16.66 -17.72
CA GLY A 67 21.11 -17.31 -18.84
C GLY A 67 22.12 -16.38 -19.49
N LYS A 68 21.63 -15.23 -19.93
CA LYS A 68 22.44 -14.27 -20.66
C LYS A 68 23.55 -13.64 -19.83
N LEU A 69 23.41 -13.69 -18.50
CA LEU A 69 24.44 -13.17 -17.59
C LEU A 69 25.36 -14.29 -17.10
N GLY A 70 25.19 -15.48 -17.68
CA GLY A 70 26.11 -16.58 -17.45
C GLY A 70 26.04 -17.20 -16.07
N LEU A 71 24.85 -17.20 -15.47
CA LEU A 71 24.67 -17.73 -14.13
C LEU A 71 24.04 -19.11 -14.16
N VAL A 72 23.85 -19.64 -15.37
CA VAL A 72 23.27 -20.97 -15.56
C VAL A 72 24.30 -21.99 -16.06
N GLY A 73 24.49 -23.08 -15.33
CA GLY A 73 25.32 -24.19 -15.79
C GLY A 73 24.48 -25.17 -16.59
N VAL A 74 24.78 -25.33 -17.88
CA VAL A 74 23.88 -26.05 -18.77
C VAL A 74 24.41 -27.40 -19.28
N ASN A 75 23.55 -28.43 -19.21
CA ASN A 75 23.86 -29.75 -19.80
C ASN A 75 25.09 -30.38 -19.17
N LEU A 76 25.07 -30.56 -17.86
CA LEU A 76 26.20 -31.08 -17.11
C LEU A 76 25.85 -32.39 -16.43
N THR A 77 26.86 -33.18 -16.11
CA THR A 77 26.67 -34.37 -15.30
C THR A 77 26.58 -33.90 -13.86
N LEU A 78 26.15 -34.78 -12.98
CA LEU A 78 26.05 -34.44 -11.57
C LEU A 78 27.38 -33.96 -10.99
N ASP A 79 28.48 -34.56 -11.45
CA ASP A 79 29.80 -34.13 -10.98
C ASP A 79 30.12 -32.75 -11.53
N GLY A 80 29.84 -32.56 -12.82
CA GLY A 80 29.97 -31.25 -13.45
C GLY A 80 29.14 -30.16 -12.79
N VAL A 81 28.01 -30.56 -12.20
CA VAL A 81 27.18 -29.61 -11.46
C VAL A 81 27.86 -29.26 -10.15
N LYS A 82 28.41 -30.27 -9.47
CA LYS A 82 29.16 -30.05 -8.24
C LYS A 82 30.37 -29.15 -8.53
N SER A 83 31.04 -29.43 -9.63
CA SER A 83 32.18 -28.63 -10.06
C SER A 83 31.79 -27.18 -10.35
N TRP A 84 30.71 -26.99 -11.10
CA TRP A 84 30.23 -25.66 -11.44
C TRP A 84 29.83 -24.87 -10.20
N LEU A 85 29.48 -25.60 -9.15
CA LEU A 85 29.01 -24.99 -7.90
C LEU A 85 30.14 -24.56 -6.96
N LYS A 86 31.25 -25.29 -6.96
CA LYS A 86 32.41 -24.98 -6.10
C LYS A 86 32.78 -23.50 -5.96
N PRO A 87 33.03 -22.81 -7.09
CA PRO A 87 33.46 -21.41 -7.01
C PRO A 87 32.32 -20.41 -6.89
N ARG A 88 31.07 -20.86 -6.95
CA ARG A 88 29.92 -19.96 -6.93
C ARG A 88 29.12 -20.01 -5.64
N LEU A 89 28.67 -21.20 -5.24
CA LEU A 89 27.86 -21.35 -4.04
C LEU A 89 28.54 -20.76 -2.81
N GLY A 90 27.82 -19.94 -2.05
CA GLY A 90 28.38 -19.27 -0.89
C GLY A 90 29.22 -18.04 -1.23
N GLN A 91 29.27 -17.65 -2.50
CA GLN A 91 30.09 -16.52 -2.93
C GLN A 91 29.24 -15.29 -3.28
N GLU A 92 29.84 -14.10 -3.19
CA GLU A 92 29.13 -12.88 -3.57
C GLU A 92 29.01 -12.71 -5.08
N ALA A 93 27.88 -12.18 -5.53
CA ALA A 93 27.67 -11.94 -6.95
C ALA A 93 26.97 -10.60 -7.10
N THR A 94 27.19 -9.94 -8.22
CA THR A 94 26.58 -8.65 -8.48
C THR A 94 25.75 -8.69 -9.76
N VAL A 95 24.53 -8.17 -9.69
CA VAL A 95 23.62 -8.20 -10.82
C VAL A 95 22.87 -6.87 -10.86
N GLY A 96 23.15 -6.07 -11.88
CA GLY A 96 22.67 -4.70 -11.88
C GLY A 96 23.35 -3.97 -10.73
N LYS A 97 22.59 -3.20 -9.97
CA LYS A 97 23.17 -2.51 -8.82
C LYS A 97 23.02 -3.30 -7.52
N ALA A 98 22.82 -4.61 -7.64
CA ALA A 98 22.59 -5.45 -6.46
C ALA A 98 23.72 -6.46 -6.24
N THR A 99 24.14 -6.58 -4.99
CA THR A 99 25.18 -7.53 -4.62
C THR A 99 24.68 -8.39 -3.48
N GLY A 100 24.91 -9.70 -3.58
CA GLY A 100 24.52 -10.61 -2.52
C GLY A 100 25.16 -11.97 -2.69
N PHE A 101 24.97 -12.83 -1.70
CA PHE A 101 25.52 -14.17 -1.76
C PHE A 101 24.64 -15.10 -2.58
N LEU A 102 25.25 -15.86 -3.48
CA LEU A 102 24.56 -16.94 -4.15
C LEU A 102 24.45 -18.13 -3.20
N LYS A 103 23.26 -18.40 -2.69
CA LYS A 103 23.11 -19.44 -1.66
C LYS A 103 21.89 -20.35 -1.86
N ASN A 104 21.18 -20.19 -2.97
CA ASN A 104 20.02 -21.05 -3.23
C ASN A 104 19.89 -21.40 -4.71
N PHE A 105 20.13 -22.68 -5.03
CA PHE A 105 20.20 -23.12 -6.42
C PHE A 105 19.19 -24.21 -6.72
N LEU A 106 18.81 -24.29 -7.99
CA LEU A 106 17.86 -25.31 -8.43
C LEU A 106 18.51 -26.17 -9.50
N ILE A 107 18.44 -27.48 -9.32
CA ILE A 107 18.94 -28.42 -10.33
C ILE A 107 17.74 -29.10 -10.99
N GLU A 108 17.73 -29.09 -12.32
CA GLU A 108 16.68 -29.75 -13.09
C GLU A 108 17.32 -30.57 -14.21
N PRO A 109 16.57 -31.49 -14.80
CA PRO A 109 17.11 -32.22 -15.96
C PRO A 109 17.31 -31.28 -17.13
N PHE A 110 18.38 -31.51 -17.89
CA PHE A 110 18.61 -30.80 -19.13
C PHE A 110 17.59 -31.26 -20.18
N VAL A 111 17.07 -30.33 -20.95
CA VAL A 111 16.10 -30.71 -21.97
C VAL A 111 16.63 -30.37 -23.35
N PRO A 112 17.04 -31.40 -24.11
CA PRO A 112 17.55 -31.11 -25.45
C PRO A 112 16.41 -30.62 -26.33
N HIS A 113 16.60 -29.50 -27.02
CA HIS A 113 15.55 -28.95 -27.87
C HIS A 113 16.15 -27.95 -28.83
N SER A 114 15.42 -27.60 -29.88
CA SER A 114 15.88 -26.62 -30.85
C SER A 114 15.37 -25.24 -30.48
N GLN A 115 15.99 -24.20 -31.03
CA GLN A 115 15.52 -22.86 -30.77
C GLN A 115 14.07 -22.71 -31.22
N ALA A 116 13.71 -23.43 -32.28
CA ALA A 116 12.36 -23.34 -32.84
C ALA A 116 11.33 -23.94 -31.90
N GLU A 117 11.80 -24.62 -30.86
CA GLU A 117 10.89 -25.22 -29.90
C GLU A 117 10.75 -24.37 -28.64
N GLU A 118 11.35 -23.18 -28.66
CA GLU A 118 11.23 -22.26 -27.54
C GLU A 118 10.11 -21.24 -27.77
N PHE A 119 9.22 -21.10 -26.79
CA PHE A 119 8.15 -20.10 -26.86
C PHE A 119 8.12 -19.18 -25.64
N TYR A 120 7.29 -18.14 -25.69
CA TYR A 120 7.14 -17.19 -24.57
C TYR A 120 5.68 -17.10 -24.19
N VAL A 121 5.38 -17.23 -22.89
CA VAL A 121 4.05 -16.94 -22.37
C VAL A 121 4.15 -16.10 -21.09
N CYS A 122 3.23 -15.17 -20.92
CA CYS A 122 3.18 -14.40 -19.68
C CYS A 122 1.75 -13.96 -19.41
N ILE A 123 1.37 -13.91 -18.14
CA ILE A 123 0.09 -13.36 -17.74
C ILE A 123 0.34 -12.35 -16.61
N TYR A 124 -0.32 -11.19 -16.66
CA TYR A 124 -0.13 -10.22 -15.58
C TYR A 124 -1.38 -9.38 -15.35
N ALA A 125 -1.52 -8.86 -14.13
CA ALA A 125 -2.76 -8.18 -13.74
C ALA A 125 -2.71 -6.67 -13.93
N THR A 126 -3.82 -6.09 -14.39
CA THR A 126 -4.02 -4.65 -14.42
C THR A 126 -5.43 -4.34 -13.90
N ARG A 127 -5.71 -3.06 -13.67
CA ARG A 127 -7.02 -2.65 -13.18
C ARG A 127 -8.14 -3.16 -14.07
N GLU A 128 -7.88 -3.23 -15.37
CA GLU A 128 -8.91 -3.57 -16.32
C GLU A 128 -8.99 -5.07 -16.63
N GLY A 129 -8.11 -5.86 -16.03
CA GLY A 129 -8.14 -7.29 -16.24
C GLY A 129 -6.75 -7.88 -16.31
N ASP A 130 -6.67 -9.11 -16.78
CA ASP A 130 -5.38 -9.77 -16.90
C ASP A 130 -4.98 -9.91 -18.36
N TYR A 131 -3.79 -9.43 -18.69
CA TYR A 131 -3.25 -9.62 -20.03
C TYR A 131 -2.58 -10.97 -20.13
N VAL A 132 -2.82 -11.62 -21.27
CA VAL A 132 -2.15 -12.85 -21.64
C VAL A 132 -1.27 -12.57 -22.85
N LEU A 133 0.02 -12.89 -22.72
CA LEU A 133 1.00 -12.65 -23.77
C LEU A 133 1.56 -13.95 -24.34
N PHE A 134 1.64 -14.01 -25.67
CA PHE A 134 2.34 -15.09 -26.34
C PHE A 134 3.31 -14.55 -27.40
N HIS A 135 4.48 -15.17 -27.50
CA HIS A 135 5.38 -14.92 -28.62
C HIS A 135 6.01 -16.23 -29.11
N HIS A 136 6.10 -16.38 -30.43
CA HIS A 136 6.57 -17.62 -31.04
C HIS A 136 8.09 -17.82 -30.99
N GLU A 137 8.82 -16.87 -30.43
CA GLU A 137 10.27 -16.99 -30.35
C GLU A 137 10.80 -16.64 -28.96
N GLY A 138 10.70 -17.57 -28.02
CA GLY A 138 11.08 -17.31 -26.65
C GLY A 138 12.54 -17.60 -26.37
N GLY A 139 12.95 -17.38 -25.13
CA GLY A 139 14.31 -17.71 -24.71
C GLY A 139 15.10 -16.49 -24.26
N VAL A 140 16.38 -16.72 -23.95
CA VAL A 140 17.27 -15.64 -23.55
C VAL A 140 17.33 -14.59 -24.65
N ASP A 141 17.13 -15.03 -25.88
CA ASP A 141 17.27 -14.14 -27.03
C ASP A 141 15.94 -13.47 -27.42
N VAL A 142 14.90 -13.73 -26.64
CA VAL A 142 13.54 -13.20 -26.92
C VAL A 142 13.51 -11.69 -27.24
N GLY A 143 14.31 -10.90 -26.52
CA GLY A 143 14.37 -9.47 -26.75
C GLY A 143 13.24 -8.66 -26.11
N ASP A 144 12.89 -7.54 -26.72
CA ASP A 144 11.85 -6.64 -26.20
C ASP A 144 10.48 -7.28 -26.39
N VAL A 145 10.18 -8.26 -25.56
CA VAL A 145 8.99 -9.09 -25.76
C VAL A 145 7.67 -8.33 -25.64
N ASP A 146 7.62 -7.32 -24.78
CA ASP A 146 6.40 -6.52 -24.65
C ASP A 146 6.06 -5.80 -25.95
N ALA A 147 7.06 -5.47 -26.75
CA ALA A 147 6.79 -4.81 -28.01
C ALA A 147 6.31 -5.81 -29.07
N LYS A 148 6.74 -7.06 -28.94
CA LYS A 148 6.52 -8.03 -30.02
C LYS A 148 5.36 -8.98 -29.80
N ALA A 149 5.13 -9.36 -28.55
CA ALA A 149 4.18 -10.44 -28.25
C ALA A 149 2.77 -10.14 -28.73
N GLN A 150 2.04 -11.18 -29.14
CA GLN A 150 0.60 -11.06 -29.26
C GLN A 150 0.03 -10.87 -27.83
N LYS A 151 -0.97 -10.00 -27.69
CA LYS A 151 -1.57 -9.69 -26.39
C LYS A 151 -3.09 -9.73 -26.43
N LEU A 152 -3.67 -10.23 -25.34
CA LEU A 152 -5.12 -10.35 -25.22
C LEU A 152 -5.53 -10.02 -23.77
N LEU A 153 -6.49 -9.13 -23.61
CA LEU A 153 -6.97 -8.80 -22.28
C LEU A 153 -8.14 -9.67 -21.93
N VAL A 154 -8.05 -10.38 -20.81
CA VAL A 154 -9.19 -11.08 -20.26
C VAL A 154 -9.82 -10.15 -19.23
N GLY A 155 -10.96 -9.58 -19.58
CA GLY A 155 -11.63 -8.59 -18.75
C GLY A 155 -12.06 -9.11 -17.39
N VAL A 156 -12.33 -8.19 -16.49
CA VAL A 156 -12.74 -8.53 -15.14
C VAL A 156 -13.97 -9.43 -15.18
N ASP A 157 -13.85 -10.59 -14.55
CA ASP A 157 -14.96 -11.53 -14.43
C ASP A 157 -15.38 -12.11 -15.78
N GLU A 158 -14.46 -12.09 -16.74
CA GLU A 158 -14.67 -12.69 -18.06
C GLU A 158 -13.90 -14.00 -18.14
N LYS A 159 -14.13 -14.73 -19.22
CA LYS A 159 -13.46 -15.99 -19.47
C LYS A 159 -12.47 -15.83 -20.62
N LEU A 160 -11.37 -16.58 -20.57
CA LEU A 160 -10.45 -16.68 -21.69
C LEU A 160 -11.05 -17.63 -22.72
N ASN A 161 -11.36 -17.11 -23.91
CA ASN A 161 -11.98 -17.93 -24.96
C ASN A 161 -10.91 -18.70 -25.74
N PRO A 162 -11.01 -20.04 -25.74
CA PRO A 162 -9.98 -20.85 -26.44
C PRO A 162 -9.84 -20.47 -27.92
N GLU A 163 -10.92 -20.05 -28.56
CA GLU A 163 -10.85 -19.57 -29.96
C GLU A 163 -9.99 -18.32 -30.13
N ASP A 164 -10.03 -17.41 -29.15
CA ASP A 164 -9.17 -16.22 -29.17
C ASP A 164 -7.70 -16.60 -29.04
N ILE A 165 -7.41 -17.59 -28.20
CA ILE A 165 -6.05 -18.10 -28.05
C ILE A 165 -5.53 -18.59 -29.39
N LYS A 166 -6.34 -19.41 -30.06
CA LYS A 166 -6.02 -19.91 -31.38
C LYS A 166 -6.01 -18.83 -32.46
N LYS A 167 -7.11 -18.08 -32.59
CA LYS A 167 -7.24 -17.15 -33.71
C LYS A 167 -6.44 -15.85 -33.55
N HIS A 168 -6.13 -15.45 -32.31
CA HIS A 168 -5.34 -14.22 -32.08
C HIS A 168 -3.97 -14.43 -31.42
N LEU A 169 -3.92 -15.11 -30.28
CA LEU A 169 -2.63 -15.26 -29.59
C LEU A 169 -1.62 -16.06 -30.39
N LEU A 170 -2.10 -17.14 -31.00
CA LEU A 170 -1.20 -18.11 -31.62
C LEU A 170 -1.02 -17.97 -33.14
N VAL A 171 -1.47 -16.85 -33.72
CA VAL A 171 -1.41 -16.67 -35.18
C VAL A 171 -0.04 -16.98 -35.83
N HIS A 172 1.05 -16.78 -35.09
CA HIS A 172 2.40 -16.96 -35.64
C HIS A 172 3.09 -18.25 -35.19
N ALA A 173 2.36 -19.10 -34.50
CA ALA A 173 2.94 -20.34 -33.97
C ALA A 173 2.85 -21.46 -34.99
N PRO A 174 3.83 -22.39 -34.96
CA PRO A 174 3.77 -23.57 -35.85
C PRO A 174 2.39 -24.19 -35.80
N GLU A 175 1.82 -24.53 -36.96
CA GLU A 175 0.47 -25.07 -37.01
C GLU A 175 0.31 -26.40 -36.26
N ASP A 176 1.37 -27.19 -36.16
CA ASP A 176 1.26 -28.47 -35.47
C ASP A 176 1.35 -28.33 -33.94
N LYS A 177 1.65 -27.13 -33.47
CA LYS A 177 1.78 -26.90 -32.03
C LYS A 177 0.63 -26.07 -31.45
N LYS A 178 -0.24 -25.56 -32.31
CA LYS A 178 -1.29 -24.68 -31.84
C LYS A 178 -2.21 -25.37 -30.86
N GLU A 179 -2.40 -26.67 -31.05
CA GLU A 179 -3.36 -27.38 -30.23
C GLU A 179 -2.80 -27.64 -28.83
N ILE A 180 -1.56 -28.11 -28.74
CA ILE A 180 -0.96 -28.35 -27.45
C ILE A 180 -0.76 -27.03 -26.66
N LEU A 181 -0.31 -25.99 -27.38
CA LEU A 181 -0.11 -24.67 -26.81
C LEU A 181 -1.41 -24.07 -26.31
N ALA A 182 -2.48 -24.20 -27.10
CA ALA A 182 -3.76 -23.68 -26.72
C ALA A 182 -4.25 -24.33 -25.42
N SER A 183 -4.13 -25.65 -25.33
CA SER A 183 -4.59 -26.36 -24.14
C SER A 183 -3.79 -25.93 -22.91
N PHE A 184 -2.49 -25.79 -23.09
CA PHE A 184 -1.63 -25.38 -22.00
C PHE A 184 -2.02 -23.99 -21.47
N ILE A 185 -2.17 -23.03 -22.39
CA ILE A 185 -2.46 -21.65 -21.99
C ILE A 185 -3.80 -21.56 -21.28
N SER A 186 -4.79 -22.31 -21.76
CA SER A 186 -6.07 -22.35 -21.09
C SER A 186 -5.89 -22.84 -19.67
N GLY A 187 -5.12 -23.91 -19.53
CA GLY A 187 -4.82 -24.47 -18.23
C GLY A 187 -4.04 -23.49 -17.38
N LEU A 188 -3.05 -22.83 -17.97
CA LEU A 188 -2.22 -21.89 -17.23
C LEU A 188 -3.09 -20.74 -16.70
N PHE A 189 -4.04 -20.29 -17.51
CA PHE A 189 -4.86 -19.15 -17.10
C PHE A 189 -5.79 -19.53 -15.94
N ASN A 190 -6.34 -20.74 -16.01
CA ASN A 190 -7.27 -21.17 -14.96
C ASN A 190 -6.52 -21.29 -13.64
N PHE A 191 -5.29 -21.79 -13.73
CA PHE A 191 -4.37 -21.89 -12.59
C PHE A 191 -4.00 -20.50 -12.03
N TYR A 192 -3.55 -19.62 -12.91
CA TYR A 192 -3.28 -18.23 -12.55
C TYR A 192 -4.45 -17.63 -11.74
N GLU A 193 -5.67 -17.82 -12.24
CA GLU A 193 -6.81 -17.20 -11.59
C GLU A 193 -7.17 -17.92 -10.28
N ASP A 194 -7.09 -19.24 -10.30
CA ASP A 194 -7.51 -20.05 -9.16
C ASP A 194 -6.63 -19.78 -7.93
N LEU A 195 -5.33 -19.67 -8.15
CA LEU A 195 -4.40 -19.42 -7.07
C LEU A 195 -4.02 -17.96 -6.84
N TYR A 196 -4.78 -17.03 -7.42
CA TYR A 196 -4.65 -15.61 -7.14
C TYR A 196 -3.25 -15.03 -7.46
N PHE A 197 -2.71 -15.45 -8.60
CA PHE A 197 -1.49 -14.86 -9.15
C PHE A 197 -1.79 -13.47 -9.70
N THR A 198 -0.76 -12.62 -9.78
CA THR A 198 -0.89 -11.31 -10.41
C THR A 198 0.18 -11.19 -11.47
N TYR A 199 1.09 -12.16 -11.49
CA TYR A 199 2.16 -12.17 -12.49
C TYR A 199 2.68 -13.59 -12.67
N LEU A 200 2.76 -14.04 -13.91
CA LEU A 200 3.23 -15.41 -14.17
C LEU A 200 3.90 -15.47 -15.53
N GLU A 201 5.22 -15.66 -15.54
CA GLU A 201 5.98 -15.65 -16.80
C GLU A 201 6.74 -16.96 -16.98
N ILE A 202 6.63 -17.53 -18.17
CA ILE A 202 7.38 -18.73 -18.51
C ILE A 202 8.17 -18.48 -19.79
N ASN A 203 9.50 -18.49 -19.68
CA ASN A 203 10.37 -18.08 -20.76
C ASN A 203 11.75 -18.67 -20.62
N PRO A 204 12.06 -19.75 -21.36
CA PRO A 204 11.19 -20.31 -22.40
C PRO A 204 10.19 -21.35 -21.92
N LEU A 205 9.03 -21.39 -22.59
CA LEU A 205 8.13 -22.53 -22.53
C LEU A 205 8.53 -23.42 -23.70
N VAL A 206 8.87 -24.67 -23.42
CA VAL A 206 9.39 -25.54 -24.49
C VAL A 206 8.40 -26.64 -24.83
N VAL A 207 8.18 -26.82 -26.14
CA VAL A 207 7.35 -27.91 -26.63
C VAL A 207 8.13 -28.75 -27.65
N THR A 208 8.34 -30.03 -27.34
CA THR A 208 8.96 -30.95 -28.29
C THR A 208 7.94 -32.02 -28.66
N LYS A 209 8.36 -32.96 -29.50
CA LYS A 209 7.53 -34.12 -29.83
C LYS A 209 7.03 -34.82 -28.57
N ASP A 210 7.76 -34.64 -27.47
CA ASP A 210 7.45 -35.34 -26.23
C ASP A 210 6.46 -34.60 -25.33
N GLY A 211 6.27 -33.31 -25.59
CA GLY A 211 5.32 -32.53 -24.81
C GLY A 211 5.85 -31.17 -24.36
N VAL A 212 5.24 -30.65 -23.30
CA VAL A 212 5.49 -29.29 -22.81
C VAL A 212 6.45 -29.31 -21.61
N TYR A 213 7.49 -28.47 -21.66
CA TYR A 213 8.44 -28.31 -20.56
C TYR A 213 8.44 -26.87 -20.05
N VAL A 214 8.31 -26.72 -18.74
CA VAL A 214 8.40 -25.40 -18.13
C VAL A 214 9.85 -25.19 -17.71
N LEU A 215 10.61 -24.50 -18.56
CA LEU A 215 12.05 -24.40 -18.36
C LEU A 215 12.43 -23.33 -17.35
N ASP A 216 11.67 -22.24 -17.33
CA ASP A 216 12.02 -21.07 -16.55
C ASP A 216 10.74 -20.34 -16.13
N LEU A 217 10.58 -20.07 -14.84
CA LEU A 217 9.35 -19.45 -14.33
C LEU A 217 9.59 -18.32 -13.31
N ALA A 218 8.88 -17.21 -13.46
CA ALA A 218 8.88 -16.13 -12.47
C ALA A 218 7.43 -15.78 -12.20
N ALA A 219 7.11 -15.33 -10.98
CA ALA A 219 5.72 -15.19 -10.57
C ALA A 219 5.55 -14.31 -9.33
N LYS A 220 4.38 -13.68 -9.24
CA LYS A 220 3.95 -13.06 -7.99
C LYS A 220 2.55 -13.51 -7.72
N VAL A 221 2.17 -13.61 -6.45
CA VAL A 221 0.78 -13.87 -6.07
C VAL A 221 0.30 -12.75 -5.18
N ASP A 222 -1.02 -12.58 -5.07
CA ASP A 222 -1.57 -11.56 -4.21
C ASP A 222 -1.59 -12.12 -2.80
N ALA A 223 -0.58 -11.76 -1.99
CA ALA A 223 -0.46 -12.30 -0.63
C ALA A 223 -1.68 -12.08 0.27
N THR A 224 -2.50 -11.06 0.00
CA THR A 224 -3.68 -10.83 0.83
C THR A 224 -4.69 -11.95 0.63
N ALA A 225 -4.50 -12.77 -0.40
CA ALA A 225 -5.45 -13.83 -0.66
C ALA A 225 -5.22 -15.10 0.19
N ASP A 226 -4.36 -15.02 1.21
CA ASP A 226 -4.03 -16.20 2.01
CA ASP A 226 -4.04 -16.18 2.04
C ASP A 226 -5.28 -16.89 2.55
N TYR A 227 -6.23 -16.11 3.08
CA TYR A 227 -7.45 -16.68 3.66
C TYR A 227 -8.27 -17.45 2.64
N ILE A 228 -8.03 -17.19 1.35
CA ILE A 228 -8.72 -17.96 0.31
C ILE A 228 -7.92 -19.16 -0.16
N CYS A 229 -6.61 -18.96 -0.32
CA CYS A 229 -5.76 -19.92 -1.01
C CYS A 229 -4.86 -20.79 -0.12
N LYS A 230 -4.86 -20.52 1.18
CA LYS A 230 -4.00 -21.21 2.12
C LYS A 230 -4.08 -22.74 1.90
N VAL A 231 -5.28 -23.23 1.60
CA VAL A 231 -5.50 -24.67 1.40
C VAL A 231 -4.71 -25.20 0.20
N LYS A 232 -4.47 -24.35 -0.78
CA LYS A 232 -3.60 -24.74 -1.89
C LYS A 232 -2.16 -24.26 -1.73
N TRP A 233 -1.98 -23.04 -1.22
CA TRP A 233 -0.64 -22.48 -1.07
C TRP A 233 0.23 -23.20 -0.04
N GLY A 234 -0.38 -23.65 1.07
CA GLY A 234 0.41 -24.14 2.19
C GLY A 234 1.24 -23.03 2.85
N ASP A 235 2.42 -23.40 3.38
CA ASP A 235 3.32 -22.43 4.00
C ASP A 235 4.19 -21.74 2.98
N ILE A 236 3.54 -21.05 2.04
CA ILE A 236 4.22 -20.40 0.95
C ILE A 236 5.22 -19.35 1.49
N GLU A 237 6.40 -19.30 0.88
CA GLU A 237 7.42 -18.37 1.30
C GLU A 237 7.59 -17.23 0.29
N PHE A 238 7.74 -16.00 0.78
CA PHE A 238 7.91 -14.82 -0.06
C PHE A 238 9.30 -14.26 0.13
N PRO A 239 10.21 -14.59 -0.79
CA PRO A 239 11.61 -14.21 -0.62
C PRO A 239 11.85 -12.72 -0.86
N PRO A 240 12.86 -12.15 -0.18
CA PRO A 240 13.25 -10.76 -0.43
C PRO A 240 14.00 -10.64 -1.76
N PRO A 241 14.17 -9.41 -2.26
CA PRO A 241 14.94 -9.23 -3.49
C PRO A 241 16.36 -9.71 -3.31
N PHE A 242 17.02 -10.08 -4.41
CA PHE A 242 18.43 -10.39 -4.36
C PHE A 242 19.16 -9.15 -3.82
N GLY A 243 20.01 -9.36 -2.83
CA GLY A 243 20.77 -8.30 -2.18
C GLY A 243 21.37 -8.80 -0.88
N ARG A 244 21.62 -7.90 0.04
CA ARG A 244 22.21 -8.28 1.31
C ARG A 244 21.25 -9.09 2.15
N GLU A 245 21.79 -9.85 3.11
CA GLU A 245 20.97 -10.56 4.07
C GLU A 245 20.30 -9.57 5.00
N ALA A 246 19.18 -9.97 5.60
CA ALA A 246 18.50 -9.17 6.61
C ALA A 246 19.35 -9.14 7.89
N TYR A 247 19.32 -8.01 8.60
CA TYR A 247 20.00 -7.93 9.90
C TYR A 247 19.12 -8.60 10.94
N PRO A 248 19.73 -9.12 12.02
CA PRO A 248 18.89 -9.79 13.03
C PRO A 248 17.75 -8.89 13.52
N GLU A 249 18.03 -7.60 13.70
CA GLU A 249 17.01 -6.67 14.17
C GLU A 249 15.88 -6.47 13.16
N GLU A 250 16.19 -6.52 11.88
CA GLU A 250 15.15 -6.44 10.85
C GLU A 250 14.24 -7.66 10.92
N ALA A 251 14.83 -8.83 11.15
CA ALA A 251 14.03 -10.06 11.27
C ALA A 251 13.15 -10.01 12.51
N TYR A 252 13.70 -9.48 13.60
CA TYR A 252 12.93 -9.37 14.83
C TYR A 252 11.69 -8.48 14.62
N ILE A 253 11.89 -7.34 13.96
CA ILE A 253 10.77 -6.45 13.70
C ILE A 253 9.74 -7.11 12.74
N ALA A 254 10.21 -7.83 11.73
CA ALA A 254 9.29 -8.52 10.82
C ALA A 254 8.45 -9.53 11.59
N ASP A 255 9.07 -10.23 12.54
CA ASP A 255 8.35 -11.19 13.37
C ASP A 255 7.36 -10.47 14.29
N LEU A 256 7.74 -9.31 14.79
CA LEU A 256 6.83 -8.46 15.54
C LEU A 256 5.62 -8.12 14.69
N ASP A 257 5.89 -7.71 13.45
CA ASP A 257 4.88 -7.29 12.50
C ASP A 257 3.86 -8.39 12.25
N ALA A 258 4.36 -9.59 11.96
CA ALA A 258 3.51 -10.74 11.64
C ALA A 258 2.50 -11.04 12.74
N LYS A 259 2.86 -10.76 13.98
CA LYS A 259 2.04 -11.13 15.13
C LYS A 259 0.93 -10.13 15.48
N SER A 260 0.51 -9.31 14.53
CA SER A 260 -0.55 -8.34 14.83
C SER A 260 -1.05 -7.53 13.65
N GLY A 261 -2.23 -6.92 13.84
CA GLY A 261 -2.82 -6.06 12.84
C GLY A 261 -2.11 -4.72 12.72
N ALA A 262 -1.31 -4.38 13.73
CA ALA A 262 -0.49 -3.17 13.65
C ALA A 262 0.63 -3.36 12.62
N SER A 263 1.05 -2.28 12.01
CA SER A 263 2.11 -2.32 11.01
C SER A 263 3.41 -1.90 11.69
N LEU A 264 4.42 -2.78 11.69
CA LEU A 264 5.71 -2.49 12.32
C LEU A 264 6.86 -2.81 11.37
N LYS A 265 7.51 -1.78 10.87
CA LYS A 265 8.50 -1.95 9.81
C LYS A 265 9.80 -1.26 10.12
N LEU A 266 10.91 -1.93 9.81
CA LEU A 266 12.24 -1.38 9.98
C LEU A 266 13.20 -1.87 8.91
N THR A 267 13.84 -0.95 8.22
CA THR A 267 14.88 -1.29 7.25
C THR A 267 16.09 -0.41 7.52
N LEU A 268 17.26 -1.01 7.72
CA LEU A 268 18.47 -0.24 7.96
C LEU A 268 19.12 0.17 6.64
N LEU A 269 19.34 1.47 6.47
CA LEU A 269 20.09 1.98 5.31
C LEU A 269 21.58 2.07 5.64
N ASN A 270 21.90 2.81 6.68
CA ASN A 270 23.28 2.97 7.10
C ASN A 270 23.33 2.83 8.61
N PRO A 271 23.75 1.65 9.07
CA PRO A 271 23.71 1.40 10.51
C PRO A 271 24.63 2.31 11.32
N LYS A 272 25.56 3.01 10.66
CA LYS A 272 26.42 3.94 11.38
C LYS A 272 25.96 5.40 11.27
N GLY A 273 24.93 5.64 10.46
CA GLY A 273 24.41 7.00 10.27
C GLY A 273 24.00 7.63 11.59
N ARG A 274 24.09 8.95 11.69
CA ARG A 274 23.74 9.61 12.95
C ARG A 274 22.28 10.03 13.05
N ILE A 275 21.51 9.85 11.98
CA ILE A 275 20.11 10.27 11.98
C ILE A 275 19.17 9.07 12.02
N TRP A 276 18.52 8.87 13.15
CA TRP A 276 17.57 7.76 13.30
C TRP A 276 16.14 8.31 13.37
N THR A 277 15.20 7.59 12.80
CA THR A 277 13.80 7.98 12.85
C THR A 277 12.91 6.89 13.47
N MSE A 278 11.82 7.33 14.05
CA MSE A 278 10.81 6.41 14.56
C MSE A 278 9.45 7.08 14.40
O MSE A 278 8.94 7.73 15.31
CB MSE A 278 11.08 6.04 16.02
CG MSE A 278 10.11 4.99 16.52
SE MSE A 278 10.38 4.52 18.39
CE MSE A 278 8.76 3.46 18.64
N VAL A 279 8.88 6.89 13.22
CA VAL A 279 7.72 7.65 12.78
C VAL A 279 6.44 6.84 12.80
N ALA A 280 5.35 7.51 13.19
CA ALA A 280 4.03 6.91 13.15
C ALA A 280 3.32 7.34 11.89
N GLY A 281 2.81 6.38 11.13
CA GLY A 281 2.07 6.71 9.92
C GLY A 281 2.87 6.39 8.67
N GLY A 282 2.23 5.71 7.72
CA GLY A 282 2.89 5.31 6.49
C GLY A 282 3.37 6.53 5.72
N GLY A 283 2.46 7.44 5.44
CA GLY A 283 2.81 8.63 4.70
C GLY A 283 3.84 9.47 5.42
N ALA A 284 3.64 9.64 6.72
CA ALA A 284 4.55 10.42 7.53
C ALA A 284 5.98 9.91 7.44
N SER A 285 6.16 8.59 7.53
CA SER A 285 7.53 8.07 7.51
C SER A 285 8.21 8.34 6.18
N VAL A 286 7.46 8.33 5.09
CA VAL A 286 8.03 8.70 3.79
C VAL A 286 8.41 10.17 3.79
N VAL A 287 7.53 11.02 4.34
CA VAL A 287 7.77 12.47 4.30
C VAL A 287 8.99 12.88 5.15
N TYR A 288 9.11 12.33 6.35
CA TYR A 288 10.30 12.58 7.15
C TYR A 288 11.60 12.18 6.44
N SER A 289 11.59 11.05 5.71
CA SER A 289 12.80 10.59 5.00
C SER A 289 13.10 11.55 3.87
N ASP A 290 12.04 11.92 3.16
CA ASP A 290 12.17 12.93 2.10
C ASP A 290 12.82 14.18 2.66
N THR A 291 12.32 14.64 3.80
CA THR A 291 12.80 15.89 4.39
C THR A 291 14.28 15.78 4.76
N ILE A 292 14.64 14.69 5.42
CA ILE A 292 16.03 14.47 5.78
C ILE A 292 16.97 14.50 4.57
N CYS A 293 16.60 13.81 3.49
CA CYS A 293 17.40 13.85 2.27
C CYS A 293 17.44 15.24 1.62
N ASP A 294 16.28 15.89 1.58
CA ASP A 294 16.18 17.21 0.99
C ASP A 294 17.15 18.17 1.67
N LEU A 295 17.37 18.00 2.96
CA LEU A 295 18.24 18.88 3.73
C LEU A 295 19.69 18.38 3.76
N GLY A 296 20.02 17.43 2.89
CA GLY A 296 21.40 16.98 2.75
C GLY A 296 21.83 15.81 3.62
N GLY A 297 20.88 15.18 4.31
CA GLY A 297 21.22 14.13 5.26
C GLY A 297 21.20 12.71 4.73
N VAL A 298 21.09 12.52 3.43
CA VAL A 298 20.90 11.17 2.92
C VAL A 298 21.99 10.20 3.36
N ASN A 299 23.23 10.68 3.50
CA ASN A 299 24.33 9.78 3.83
C ASN A 299 24.40 9.43 5.32
N GLU A 300 23.68 10.18 6.14
CA GLU A 300 23.64 9.94 7.58
C GLU A 300 22.30 9.31 7.98
N LEU A 301 21.43 9.06 7.02
CA LEU A 301 20.13 8.44 7.29
C LEU A 301 20.29 6.95 7.62
N ALA A 302 20.05 6.61 8.88
CA ALA A 302 20.34 5.27 9.38
C ALA A 302 19.30 4.21 8.98
N ASN A 303 18.03 4.61 8.91
CA ASN A 303 16.95 3.63 8.77
C ASN A 303 15.71 4.28 8.17
N TYR A 304 14.80 3.45 7.68
CA TYR A 304 13.46 3.95 7.40
C TYR A 304 12.47 2.89 7.80
N GLY A 305 11.25 3.32 8.12
CA GLY A 305 10.22 2.41 8.56
C GLY A 305 9.16 3.20 9.29
N GLU A 306 8.37 2.50 10.10
CA GLU A 306 7.21 3.10 10.73
C GLU A 306 6.64 2.16 11.78
N TYR A 307 5.82 2.72 12.65
CA TYR A 307 4.97 1.94 13.51
C TYR A 307 3.57 2.55 13.37
N SER A 308 2.62 1.76 12.89
CA SER A 308 1.31 2.27 12.50
C SER A 308 0.18 1.32 12.87
N GLY A 309 -1.05 1.79 12.73
CA GLY A 309 -2.21 0.94 12.91
C GLY A 309 -2.46 0.55 14.35
N ALA A 310 -2.32 1.53 15.25
CA ALA A 310 -2.63 1.32 16.66
C ALA A 310 -1.89 0.16 17.33
N PRO A 311 -0.54 0.20 17.35
CA PRO A 311 0.18 -0.79 18.15
C PRO A 311 -0.04 -0.53 19.64
N SER A 312 0.12 -1.55 20.47
CA SER A 312 -0.06 -1.40 21.91
C SER A 312 1.20 -0.83 22.57
N GLU A 313 1.11 -0.56 23.87
CA GLU A 313 2.26 -0.03 24.58
C GLU A 313 3.42 -1.02 24.57
N GLN A 314 3.11 -2.30 24.68
CA GLN A 314 4.17 -3.31 24.72
C GLN A 314 4.88 -3.45 23.37
N GLN A 315 4.09 -3.41 22.30
CA GLN A 315 4.63 -3.46 20.96
C GLN A 315 5.53 -2.26 20.67
N THR A 316 5.08 -1.07 21.07
CA THR A 316 5.89 0.13 20.85
C THR A 316 7.14 0.09 21.70
N TYR A 317 7.02 -0.45 22.91
CA TYR A 317 8.19 -0.68 23.74
C TYR A 317 9.20 -1.57 23.03
N ASP A 318 8.72 -2.66 22.43
CA ASP A 318 9.61 -3.62 21.79
C ASP A 318 10.26 -3.06 20.53
N TYR A 319 9.49 -2.32 19.75
CA TYR A 319 10.00 -1.61 18.59
C TYR A 319 11.07 -0.60 19.03
N ALA A 320 10.70 0.32 19.91
CA ALA A 320 11.61 1.36 20.39
C ALA A 320 12.93 0.82 20.96
N LYS A 321 12.87 -0.25 21.74
CA LYS A 321 14.11 -0.75 22.33
C LYS A 321 15.05 -1.35 21.27
N THR A 322 14.49 -1.75 20.14
CA THR A 322 15.31 -2.25 19.05
C THR A 322 16.06 -1.07 18.44
N ILE A 323 15.33 0.01 18.15
CA ILE A 323 15.97 1.22 17.65
C ILE A 323 17.03 1.74 18.62
N LEU A 324 16.69 1.83 19.91
CA LEU A 324 17.64 2.42 20.87
C LEU A 324 18.90 1.58 20.99
N SER A 325 18.77 0.25 20.91
CA SER A 325 19.94 -0.62 20.91
C SER A 325 20.77 -0.39 19.65
N LEU A 326 20.09 -0.33 18.50
CA LEU A 326 20.79 -0.14 17.22
C LEU A 326 21.59 1.15 17.17
N MSE A 327 21.07 2.19 17.81
CA MSE A 327 21.74 3.50 17.67
C MSE A 327 22.81 3.74 18.75
O MSE A 327 23.45 4.77 18.76
CB MSE A 327 20.72 4.64 17.57
CG MSE A 327 20.08 5.07 18.86
SE MSE A 327 18.65 6.40 18.55
CE MSE A 327 19.77 7.86 17.87
N THR A 328 23.00 2.75 19.62
CA THR A 328 24.02 2.83 20.66
C THR A 328 25.13 1.78 20.50
N ARG A 329 25.37 1.30 19.28
CA ARG A 329 26.45 0.34 19.04
C ARG A 329 27.83 1.01 18.95
N GLU A 330 27.89 2.14 18.26
CA GLU A 330 29.14 2.93 18.15
C GLU A 330 28.84 4.40 18.39
N LYS A 331 29.83 5.13 18.92
CA LYS A 331 29.71 6.58 19.00
C LYS A 331 29.92 7.27 17.66
N HIS A 332 29.24 8.39 17.47
CA HIS A 332 29.52 9.28 16.36
C HIS A 332 30.16 10.53 16.94
N PRO A 333 31.14 11.11 16.22
CA PRO A 333 31.84 12.29 16.72
C PRO A 333 30.90 13.47 16.99
N ASP A 334 29.78 13.53 16.26
CA ASP A 334 28.85 14.65 16.37
C ASP A 334 27.60 14.27 17.16
N GLY A 335 27.65 13.15 17.87
CA GLY A 335 26.46 12.65 18.53
C GLY A 335 25.41 12.20 17.51
N LYS A 336 24.21 11.90 17.98
CA LYS A 336 23.16 11.43 17.09
C LYS A 336 21.80 12.06 17.35
N ILE A 337 20.91 11.89 16.39
CA ILE A 337 19.57 12.47 16.42
C ILE A 337 18.52 11.38 16.34
N LEU A 338 17.50 11.46 17.18
CA LEU A 338 16.34 10.58 17.01
C LEU A 338 15.10 11.41 16.71
N ILE A 339 14.52 11.19 15.53
CA ILE A 339 13.32 11.92 15.15
C ILE A 339 12.11 11.05 15.46
N ILE A 340 11.35 11.44 16.48
CA ILE A 340 10.12 10.74 16.83
C ILE A 340 8.90 11.53 16.34
N GLY A 341 8.52 11.29 15.09
CA GLY A 341 7.55 12.15 14.42
C GLY A 341 6.30 11.42 13.99
N GLY A 342 5.38 12.16 13.39
CA GLY A 342 4.16 11.56 12.86
C GLY A 342 3.11 12.61 12.59
N SER A 343 2.12 12.25 11.78
CA SER A 343 0.98 13.11 11.57
C SER A 343 0.05 13.02 12.76
N ILE A 344 -1.22 13.34 12.56
CA ILE A 344 -2.20 13.28 13.64
C ILE A 344 -3.04 12.01 13.51
N ALA A 345 -2.92 11.11 14.47
CA ALA A 345 -3.55 9.80 14.37
C ALA A 345 -5.08 9.91 14.42
N ASN A 346 -5.77 8.94 13.82
CA ASN A 346 -7.22 8.86 13.87
C ASN A 346 -7.70 7.93 14.98
N PHE A 347 -6.96 6.85 15.21
CA PHE A 347 -7.31 5.92 16.29
C PHE A 347 -6.13 5.37 17.13
N THR A 348 -4.90 5.51 16.68
CA THR A 348 -3.78 5.12 17.54
C THR A 348 -3.88 5.87 18.88
N ASN A 349 -3.62 5.18 19.98
CA ASN A 349 -3.60 5.81 21.29
C ASN A 349 -2.23 6.41 21.55
N VAL A 350 -2.11 7.71 21.34
CA VAL A 350 -0.81 8.36 21.44
C VAL A 350 -0.23 8.21 22.84
N ALA A 351 -1.09 8.26 23.86
CA ALA A 351 -0.62 8.12 25.23
C ALA A 351 -0.06 6.72 25.47
N ALA A 352 -0.76 5.70 24.94
CA ALA A 352 -0.32 4.32 25.08
C ALA A 352 1.03 4.09 24.41
N THR A 353 1.17 4.53 23.16
CA THR A 353 2.42 4.28 22.44
C THR A 353 3.58 5.06 23.06
N PHE A 354 3.35 6.32 23.43
CA PHE A 354 4.44 7.10 24.00
C PHE A 354 4.92 6.50 25.32
N LYS A 355 4.01 5.96 26.14
CA LYS A 355 4.41 5.28 27.37
C LYS A 355 5.38 4.14 27.07
N GLY A 356 5.14 3.42 25.98
CA GLY A 356 6.06 2.38 25.55
C GLY A 356 7.43 2.95 25.25
N ILE A 357 7.49 4.01 24.45
CA ILE A 357 8.78 4.61 24.08
C ILE A 357 9.50 5.11 25.33
N VAL A 358 8.76 5.78 26.21
CA VAL A 358 9.34 6.27 27.46
C VAL A 358 10.02 5.14 28.23
N ARG A 359 9.32 4.01 28.41
CA ARG A 359 9.91 2.89 29.12
C ARG A 359 11.22 2.49 28.47
N ALA A 360 11.22 2.48 27.14
CA ALA A 360 12.42 2.10 26.40
C ALA A 360 13.53 3.10 26.65
N ILE A 361 13.20 4.39 26.62
CA ILE A 361 14.23 5.40 26.81
C ILE A 361 14.89 5.23 28.19
N ARG A 362 14.03 5.03 29.19
CA ARG A 362 14.49 4.78 30.54
C ARG A 362 15.46 3.60 30.67
N ASP A 363 15.16 2.48 30.00
CA ASP A 363 16.08 1.33 30.04
C ASP A 363 17.41 1.58 29.33
N TYR A 364 17.45 2.53 28.40
CA TYR A 364 18.68 2.74 27.65
C TYR A 364 19.30 4.11 27.96
N GLN A 365 18.86 4.73 29.05
CA GLN A 365 19.22 6.13 29.31
C GLN A 365 20.72 6.33 29.40
N GLY A 366 21.42 5.40 30.05
CA GLY A 366 22.86 5.53 30.25
C GLY A 366 23.65 5.65 28.96
N PRO A 367 23.55 4.63 28.11
CA PRO A 367 24.15 4.67 26.78
C PRO A 367 23.62 5.83 25.91
N LEU A 368 22.35 6.21 26.03
CA LEU A 368 21.85 7.35 25.25
C LEU A 368 22.59 8.64 25.61
N LYS A 369 22.87 8.84 26.89
CA LYS A 369 23.71 9.96 27.32
C LYS A 369 25.15 9.81 26.83
N GLU A 370 25.69 8.60 26.94
CA GLU A 370 27.06 8.33 26.50
C GLU A 370 27.20 8.55 25.00
N HIS A 371 26.13 8.33 24.25
CA HIS A 371 26.19 8.51 22.81
C HIS A 371 25.71 9.87 22.36
N GLU A 372 25.47 10.78 23.31
CA GLU A 372 25.05 12.15 22.98
C GLU A 372 23.87 12.16 22.00
N VAL A 373 22.81 11.45 22.37
CA VAL A 373 21.64 11.39 21.53
C VAL A 373 20.71 12.53 21.90
N THR A 374 20.27 13.29 20.90
CA THR A 374 19.26 14.30 21.12
C THR A 374 17.97 13.81 20.47
N ILE A 375 16.84 14.03 21.13
CA ILE A 375 15.56 13.49 20.67
C ILE A 375 14.57 14.62 20.32
N PHE A 376 14.00 14.57 19.12
CA PHE A 376 12.95 15.50 18.74
C PHE A 376 11.64 14.76 18.52
N VAL A 377 10.54 15.35 19.00
CA VAL A 377 9.26 14.66 18.98
C VAL A 377 8.17 15.58 18.48
N ARG A 378 7.38 15.10 17.54
CA ARG A 378 6.21 15.85 17.07
C ARG A 378 5.11 14.84 16.78
N ARG A 379 3.94 15.01 17.41
CA ARG A 379 2.89 14.02 17.29
C ARG A 379 1.51 14.55 17.70
N GLY A 380 0.47 14.06 17.01
CA GLY A 380 -0.91 14.39 17.37
C GLY A 380 -1.77 13.14 17.35
N GLY A 381 -2.98 13.24 17.89
CA GLY A 381 -3.89 12.11 17.92
C GLY A 381 -4.50 11.96 19.29
N PRO A 382 -5.25 10.86 19.51
CA PRO A 382 -5.93 10.58 20.78
C PRO A 382 -5.00 10.56 21.99
N ASN A 383 -5.32 11.40 22.97
CA ASN A 383 -4.53 11.49 24.19
C ASN A 383 -3.13 12.03 23.93
N TYR A 384 -2.93 12.74 22.83
CA TYR A 384 -1.58 13.16 22.47
C TYR A 384 -0.95 14.08 23.52
N GLN A 385 -1.77 14.95 24.11
CA GLN A 385 -1.26 15.84 25.16
C GLN A 385 -0.59 15.08 26.31
N GLU A 386 -1.23 14.01 26.77
CA GLU A 386 -0.64 13.17 27.82
C GLU A 386 0.67 12.54 27.33
N GLY A 387 0.68 12.12 26.07
CA GLY A 387 1.87 11.51 25.49
C GLY A 387 3.06 12.46 25.48
N LEU A 388 2.85 13.68 25.02
CA LEU A 388 3.91 14.67 24.96
C LEU A 388 4.42 14.99 26.37
N ARG A 389 3.52 15.02 27.34
CA ARG A 389 3.93 15.26 28.73
C ARG A 389 4.94 14.25 29.23
N VAL A 390 4.57 12.97 29.23
CA VAL A 390 5.46 11.94 29.76
C VAL A 390 6.76 11.87 28.96
N MSE A 391 6.72 12.33 27.72
CA MSE A 391 7.92 12.30 26.89
C MSE A 391 8.88 13.42 27.31
O MSE A 391 10.07 13.19 27.48
CB MSE A 391 7.52 12.42 25.41
CG MSE A 391 8.65 12.33 24.41
SE MSE A 391 9.52 10.56 24.28
CE MSE A 391 7.96 9.42 24.26
N GLY A 392 8.34 14.62 27.51
CA GLY A 392 9.16 15.72 28.01
C GLY A 392 9.68 15.38 29.39
N GLU A 393 8.82 14.74 30.18
CA GLU A 393 9.13 14.36 31.55
C GLU A 393 10.29 13.36 31.62
N VAL A 394 10.28 12.35 30.77
CA VAL A 394 11.38 11.39 30.81
C VAL A 394 12.71 12.01 30.40
N GLY A 395 12.66 13.08 29.60
CA GLY A 395 13.85 13.84 29.26
C GLY A 395 14.47 14.51 30.49
N LYS A 396 13.65 15.23 31.24
CA LYS A 396 14.08 15.89 32.47
C LYS A 396 14.66 14.89 33.48
N THR A 397 13.95 13.79 33.68
CA THR A 397 14.34 12.76 34.63
C THR A 397 15.69 12.13 34.31
N THR A 398 15.95 11.88 33.03
CA THR A 398 17.16 11.17 32.63
C THR A 398 18.32 12.09 32.25
N GLY A 399 18.03 13.34 31.92
CA GLY A 399 19.08 14.26 31.49
C GLY A 399 19.34 14.20 30.00
N ILE A 400 18.50 13.44 29.30
CA ILE A 400 18.55 13.34 27.85
C ILE A 400 17.80 14.52 27.27
N PRO A 401 18.42 15.26 26.34
CA PRO A 401 17.74 16.40 25.70
C PRO A 401 16.59 15.92 24.83
N ILE A 402 15.36 16.30 25.17
CA ILE A 402 14.19 15.87 24.43
C ILE A 402 13.24 17.06 24.19
N HIS A 403 13.14 17.47 22.93
CA HIS A 403 12.33 18.61 22.53
C HIS A 403 11.01 18.12 21.94
N VAL A 404 9.90 18.49 22.57
CA VAL A 404 8.60 17.95 22.18
C VAL A 404 7.72 19.06 21.59
N PHE A 405 6.98 18.72 20.53
CA PHE A 405 6.16 19.69 19.79
C PHE A 405 4.79 19.12 19.46
N GLY A 406 3.82 20.00 19.29
CA GLY A 406 2.45 19.60 18.98
C GLY A 406 2.06 19.93 17.55
N THR A 407 0.76 19.90 17.29
CA THR A 407 0.26 20.09 15.94
C THR A 407 0.44 21.54 15.46
N GLU A 408 0.75 22.43 16.40
CA GLU A 408 1.09 23.82 16.04
C GLU A 408 2.40 23.88 15.25
N THR A 409 3.25 22.86 15.42
CA THR A 409 4.52 22.83 14.70
C THR A 409 4.32 22.04 13.42
N HIS A 410 4.70 22.63 12.29
CA HIS A 410 4.62 21.94 11.01
C HIS A 410 5.33 20.61 11.13
N MSE A 411 4.70 19.54 10.64
CA MSE A 411 5.19 18.19 10.91
C MSE A 411 6.72 18.02 10.71
O MSE A 411 7.42 17.48 11.57
CB MSE A 411 4.40 17.18 10.07
CG MSE A 411 4.65 15.74 10.40
SE MSE A 411 3.61 14.56 9.23
CE MSE A 411 4.75 14.61 7.64
N THR A 412 7.23 18.50 9.59
CA THR A 412 8.64 18.29 9.29
C THR A 412 9.59 19.32 9.92
N ALA A 413 9.06 20.32 10.60
CA ALA A 413 9.91 21.40 11.12
C ALA A 413 11.03 20.90 12.01
N ILE A 414 10.78 19.83 12.76
CA ILE A 414 11.77 19.32 13.70
C ILE A 414 13.02 18.81 13.01
N VAL A 415 12.91 18.46 11.74
CA VAL A 415 14.09 17.93 11.04
C VAL A 415 15.13 19.03 10.91
N GLY A 416 14.70 20.20 10.47
CA GLY A 416 15.56 21.37 10.37
C GLY A 416 16.12 21.76 11.72
N MSE A 417 15.30 21.68 12.77
CA MSE A 417 15.79 21.99 14.10
C MSE A 417 16.90 21.02 14.46
O MSE A 417 17.99 21.42 14.88
CB MSE A 417 14.68 21.88 15.13
CG MSE A 417 13.46 22.73 14.84
SE MSE A 417 12.21 22.49 16.32
CE MSE A 417 10.68 23.42 15.54
N ALA A 418 16.62 19.73 14.28
CA ALA A 418 17.56 18.67 14.66
C ALA A 418 18.93 18.82 13.98
N LEU A 419 18.92 19.25 12.72
CA LEU A 419 20.13 19.38 11.93
C LEU A 419 20.80 20.76 12.07
N GLY A 420 20.25 21.63 12.91
CA GLY A 420 20.83 22.95 13.09
C GLY A 420 20.65 23.92 11.94
N HIS A 421 19.60 23.72 11.13
CA HIS A 421 19.30 24.63 10.02
C HIS A 421 18.38 25.76 10.49
N ARG A 422 17.82 25.60 11.68
CA ARG A 422 16.93 26.59 12.23
C ARG A 422 16.93 26.45 13.74
N PRO A 423 16.45 27.47 14.45
CA PRO A 423 16.49 27.45 15.92
C PRO A 423 15.41 26.56 16.50
N ILE A 424 15.66 26.02 17.70
CA ILE A 424 14.62 25.33 18.47
C ILE A 424 13.83 26.34 19.29
N PRO A 425 12.54 26.52 18.97
CA PRO A 425 11.67 27.43 19.71
C PRO A 425 11.40 26.94 21.12
N GLY B 1 -24.82 7.45 -14.10
CA GLY B 1 -23.71 8.36 -13.94
C GLY B 1 -23.37 8.63 -12.48
N LYS B 2 -22.09 8.92 -12.22
CA LYS B 2 -21.60 9.18 -10.87
C LYS B 2 -21.92 10.59 -10.37
N SER B 3 -22.26 10.69 -9.09
CA SER B 3 -22.65 11.97 -8.51
C SER B 3 -21.46 12.95 -8.39
N THR B 4 -21.74 14.24 -8.53
CA THR B 4 -20.77 15.29 -8.23
C THR B 4 -20.73 15.53 -6.71
N THR B 5 -21.91 15.55 -6.11
CA THR B 5 -22.07 15.78 -4.68
C THR B 5 -22.36 14.46 -3.98
N LEU B 6 -21.43 14.04 -3.11
CA LEU B 6 -21.57 12.76 -2.42
C LEU B 6 -22.36 12.92 -1.12
N PHE B 7 -22.06 14.00 -0.39
CA PHE B 7 -22.65 14.25 0.92
C PHE B 7 -23.19 15.66 1.05
N SER B 8 -24.08 15.85 2.02
CA SER B 8 -24.63 17.15 2.35
C SER B 8 -25.06 17.13 3.81
N ARG B 9 -25.52 18.27 4.31
CA ARG B 9 -25.96 18.34 5.69
C ARG B 9 -27.21 17.49 5.91
N HIS B 10 -27.77 16.95 4.84
CA HIS B 10 -28.97 16.12 4.97
C HIS B 10 -28.72 14.62 4.74
N THR B 11 -27.46 14.26 4.46
CA THR B 11 -27.13 12.87 4.19
C THR B 11 -27.54 11.91 5.31
N LYS B 12 -28.17 10.81 4.92
CA LYS B 12 -28.43 9.72 5.86
C LYS B 12 -27.67 8.50 5.40
N ALA B 13 -27.05 7.79 6.34
CA ALA B 13 -26.24 6.62 6.01
C ALA B 13 -26.65 5.38 6.77
N ILE B 14 -26.38 4.24 6.15
CA ILE B 14 -26.43 2.97 6.83
C ILE B 14 -25.00 2.56 7.11
N VAL B 15 -24.75 2.06 8.32
CA VAL B 15 -23.45 1.53 8.69
C VAL B 15 -23.53 0.03 8.80
N TRP B 16 -22.68 -0.67 8.05
CA TRP B 16 -22.59 -2.12 8.12
C TRP B 16 -21.50 -2.48 9.09
N GLY B 17 -21.86 -3.26 10.11
CA GLY B 17 -20.91 -3.72 11.11
C GLY B 17 -21.37 -3.30 12.49
N MSE B 18 -20.65 -3.76 13.50
CA MSE B 18 -20.93 -3.40 14.88
C MSE B 18 -19.84 -2.44 15.30
O MSE B 18 -18.76 -2.83 15.73
CB MSE B 18 -20.89 -4.66 15.76
CG MSE B 18 -21.42 -4.47 17.18
SE MSE B 18 -23.25 -3.82 17.23
CE MSE B 18 -24.02 -4.91 15.79
N GLN B 19 -20.11 -1.14 15.12
CA GLN B 19 -19.12 -0.09 15.32
C GLN B 19 -19.74 1.06 16.10
N THR B 20 -20.16 0.78 17.33
CA THR B 20 -20.88 1.77 18.12
C THR B 20 -20.00 2.98 18.42
N ARG B 21 -18.72 2.76 18.69
CA ARG B 21 -17.87 3.91 18.95
C ARG B 21 -17.76 4.86 17.74
N ALA B 22 -17.65 4.30 16.55
CA ALA B 22 -17.57 5.11 15.33
C ALA B 22 -18.89 5.85 15.07
N VAL B 23 -20.00 5.14 15.20
CA VAL B 23 -21.31 5.75 15.02
C VAL B 23 -21.52 6.92 15.99
N GLN B 24 -21.11 6.75 17.25
CA GLN B 24 -21.26 7.82 18.23
C GLN B 24 -20.36 8.99 17.86
N GLY B 25 -19.20 8.68 17.27
CA GLY B 25 -18.27 9.72 16.84
C GLY B 25 -18.91 10.57 15.75
N MSE B 26 -19.56 9.90 14.80
CA MSE B 26 -20.27 10.59 13.74
C MSE B 26 -21.37 11.49 14.28
O MSE B 26 -21.51 12.62 13.82
CB MSE B 26 -20.81 9.60 12.69
CG MSE B 26 -19.72 8.88 11.89
SE MSE B 26 -20.42 7.35 10.87
CE MSE B 26 -21.60 8.34 9.69
N LEU B 27 -22.15 10.99 15.26
CA LEU B 27 -23.25 11.78 15.86
C LEU B 27 -22.75 13.02 16.62
N ASP B 28 -21.67 12.85 17.38
CA ASP B 28 -21.04 14.00 18.05
C ASP B 28 -20.63 15.03 17.00
N PHE B 29 -20.06 14.55 15.90
CA PHE B 29 -19.69 15.45 14.80
C PHE B 29 -20.95 16.14 14.26
N ASP B 30 -21.98 15.34 13.95
CA ASP B 30 -23.25 15.87 13.47
C ASP B 30 -23.78 16.95 14.42
N TYR B 31 -23.70 16.68 15.71
CA TYR B 31 -24.27 17.62 16.68
C TYR B 31 -23.50 18.95 16.65
N VAL B 32 -22.17 18.87 16.70
CA VAL B 32 -21.38 20.09 16.70
C VAL B 32 -21.47 20.86 15.38
N CYS B 33 -21.85 20.17 14.32
CA CYS B 33 -22.06 20.82 13.02
C CYS B 33 -23.42 21.50 12.93
N SER B 34 -24.23 21.36 13.97
CA SER B 34 -25.58 21.90 13.96
C SER B 34 -26.42 21.34 12.82
N ARG B 35 -26.19 20.05 12.51
CA ARG B 35 -27.11 19.32 11.65
C ARG B 35 -28.49 19.31 12.28
N ASP B 36 -29.53 19.22 11.46
CA ASP B 36 -30.88 19.08 11.96
C ASP B 36 -31.08 17.69 12.56
N GLU B 37 -30.42 16.69 11.97
CA GLU B 37 -30.64 15.30 12.33
C GLU B 37 -29.36 14.45 12.24
N PRO B 38 -29.32 13.35 13.01
CA PRO B 38 -28.24 12.37 13.02
C PRO B 38 -27.95 11.88 11.60
N SER B 39 -26.69 11.59 11.28
CA SER B 39 -26.33 11.20 9.92
C SER B 39 -26.44 9.68 9.73
N VAL B 40 -26.58 8.95 10.82
CA VAL B 40 -26.70 7.49 10.77
C VAL B 40 -28.13 7.05 11.05
N ALA B 41 -28.78 6.45 10.06
CA ALA B 41 -30.19 6.13 10.14
C ALA B 41 -30.41 4.72 10.65
N ALA B 42 -29.44 3.84 10.39
CA ALA B 42 -29.57 2.43 10.74
C ALA B 42 -28.27 1.68 10.57
N MSE B 43 -28.22 0.49 11.16
CA MSE B 43 -27.10 -0.41 11.00
C MSE B 43 -27.55 -1.74 10.42
O MSE B 43 -28.73 -2.09 10.49
CB MSE B 43 -26.38 -0.57 12.33
CG MSE B 43 -25.87 0.75 12.87
SE MSE B 43 -25.21 0.71 14.68
CE MSE B 43 -23.72 -0.52 14.50
N VAL B 44 -26.61 -2.45 9.81
CA VAL B 44 -26.86 -3.78 9.28
C VAL B 44 -25.79 -4.72 9.80
N TYR B 45 -26.20 -5.87 10.31
CA TYR B 45 -25.27 -6.87 10.82
C TYR B 45 -25.96 -8.23 10.80
N PRO B 46 -25.51 -9.11 9.89
CA PRO B 46 -26.20 -10.40 9.69
C PRO B 46 -25.94 -11.41 10.81
N PHE B 47 -24.99 -11.13 11.70
CA PHE B 47 -24.59 -12.10 12.72
C PHE B 47 -25.45 -12.05 13.99
N THR B 48 -26.44 -11.16 14.01
CA THR B 48 -27.38 -11.06 15.13
C THR B 48 -28.78 -10.75 14.60
N GLY B 49 -29.78 -10.88 15.47
CA GLY B 49 -31.15 -10.60 15.07
C GLY B 49 -31.40 -9.12 15.15
N ASP B 50 -32.51 -8.66 14.57
CA ASP B 50 -32.88 -7.26 14.67
C ASP B 50 -32.78 -6.83 16.12
N HIS B 51 -32.70 -5.51 16.32
CA HIS B 51 -32.68 -4.93 17.65
C HIS B 51 -32.30 -3.45 17.55
N LYS B 52 -32.20 -2.79 18.69
CA LYS B 52 -31.85 -1.38 18.71
C LYS B 52 -30.60 -1.10 19.53
N GLN B 53 -29.90 -0.03 19.17
CA GLN B 53 -28.70 0.36 19.89
C GLN B 53 -28.88 1.78 20.38
N LYS B 54 -28.37 2.05 21.58
CA LYS B 54 -28.53 3.33 22.24
C LYS B 54 -27.40 4.30 21.92
N PHE B 55 -27.75 5.49 21.45
CA PHE B 55 -26.76 6.53 21.17
C PHE B 55 -27.23 7.86 21.74
N TYR B 56 -26.34 8.85 21.73
CA TYR B 56 -26.67 10.20 22.17
C TYR B 56 -26.58 11.25 21.07
N TRP B 57 -27.67 11.99 20.92
CA TRP B 57 -27.78 13.10 19.98
C TRP B 57 -27.81 14.36 20.83
N GLY B 58 -26.63 14.88 21.14
CA GLY B 58 -26.54 15.97 22.08
C GLY B 58 -26.67 15.38 23.47
N HIS B 59 -27.53 15.97 24.30
CA HIS B 59 -27.77 15.39 25.62
C HIS B 59 -28.92 14.38 25.58
N LYS B 60 -29.68 14.41 24.48
CA LYS B 60 -30.81 13.50 24.29
C LYS B 60 -30.40 12.07 23.97
N GLU B 61 -31.21 11.11 24.37
CA GLU B 61 -30.92 9.71 24.15
C GLU B 61 -31.79 9.18 23.03
N ILE B 62 -31.18 8.46 22.08
CA ILE B 62 -31.92 7.99 20.90
C ILE B 62 -31.56 6.55 20.58
N LEU B 63 -32.43 5.89 19.83
CA LEU B 63 -32.21 4.49 19.46
C LEU B 63 -32.03 4.37 17.96
N ILE B 64 -31.02 3.62 17.53
CA ILE B 64 -30.81 3.38 16.12
C ILE B 64 -31.07 1.90 15.81
N PRO B 65 -31.93 1.62 14.83
CA PRO B 65 -32.24 0.22 14.55
C PRO B 65 -31.08 -0.50 13.88
N VAL B 66 -30.90 -1.76 14.25
CA VAL B 66 -29.89 -2.64 13.69
C VAL B 66 -30.60 -3.79 13.00
N PHE B 67 -30.40 -3.95 11.70
CA PHE B 67 -31.09 -4.99 10.95
C PHE B 67 -30.20 -6.18 10.61
N LYS B 68 -30.81 -7.36 10.64
CA LYS B 68 -30.11 -8.60 10.33
C LYS B 68 -29.95 -8.72 8.83
N ASN B 69 -31.00 -8.29 8.11
CA ASN B 69 -31.03 -8.36 6.66
C ASN B 69 -30.97 -6.96 6.11
N MSE B 70 -30.05 -6.75 5.17
CA MSE B 70 -29.86 -5.43 4.59
C MSE B 70 -31.14 -4.87 3.99
O MSE B 70 -31.44 -3.69 4.16
CB MSE B 70 -28.79 -5.50 3.53
CG MSE B 70 -28.58 -4.21 2.79
SE MSE B 70 -27.08 -4.47 1.61
CE MSE B 70 -25.69 -4.48 2.98
N ALA B 71 -31.88 -5.71 3.29
CA ALA B 71 -33.13 -5.33 2.63
C ALA B 71 -34.09 -4.59 3.56
N ASP B 72 -34.25 -5.11 4.77
CA ASP B 72 -35.13 -4.48 5.75
C ASP B 72 -34.65 -3.06 6.00
N ALA B 73 -33.35 -2.90 6.18
CA ALA B 73 -32.77 -1.58 6.40
C ALA B 73 -33.05 -0.64 5.23
N MSE B 74 -32.77 -1.09 4.02
CA MSE B 74 -32.95 -0.24 2.84
C MSE B 74 -34.41 0.23 2.73
O MSE B 74 -34.68 1.40 2.47
CB MSE B 74 -32.59 -0.99 1.56
CG MSE B 74 -31.13 -1.37 1.44
SE MSE B 74 -29.98 0.19 1.30
CE MSE B 74 -28.32 -0.66 1.92
N ARG B 75 -35.31 -0.72 2.92
CA ARG B 75 -36.72 -0.52 2.65
C ARG B 75 -37.38 0.41 3.66
N LYS B 76 -36.99 0.24 4.92
CA LYS B 76 -37.49 1.09 6.00
C LYS B 76 -36.84 2.47 6.00
N HIS B 77 -35.72 2.59 5.28
CA HIS B 77 -35.03 3.87 5.22
C HIS B 77 -34.67 4.25 3.79
N PRO B 78 -35.70 4.53 2.99
CA PRO B 78 -35.53 4.88 1.57
C PRO B 78 -34.73 6.16 1.38
N GLU B 79 -34.60 6.95 2.44
CA GLU B 79 -33.90 8.23 2.37
C GLU B 79 -32.37 8.06 2.39
N VAL B 80 -31.91 6.89 2.78
CA VAL B 80 -30.49 6.61 2.88
C VAL B 80 -29.83 6.46 1.51
N ASP B 81 -28.78 7.25 1.26
CA ASP B 81 -28.04 7.11 0.00
C ASP B 81 -26.54 6.90 0.18
N VAL B 82 -26.11 6.60 1.40
CA VAL B 82 -24.69 6.32 1.67
C VAL B 82 -24.59 5.08 2.55
N LEU B 83 -23.71 4.16 2.18
CA LEU B 83 -23.43 3.05 3.09
C LEU B 83 -21.95 3.07 3.48
N ILE B 84 -21.69 2.97 4.77
CA ILE B 84 -20.33 2.90 5.28
C ILE B 84 -20.09 1.48 5.72
N ASN B 85 -19.16 0.81 5.05
CA ASN B 85 -18.99 -0.62 5.25
C ASN B 85 -17.78 -0.99 6.11
N PHE B 86 -18.05 -1.33 7.38
CA PHE B 86 -16.99 -1.73 8.33
C PHE B 86 -16.76 -3.26 8.34
N ALA B 87 -17.29 -3.97 7.35
CA ALA B 87 -17.09 -5.41 7.29
C ALA B 87 -15.61 -5.74 7.41
N SER B 88 -15.31 -6.91 7.97
CA SER B 88 -13.96 -7.41 8.00
C SER B 88 -13.59 -7.78 6.57
N LEU B 89 -12.31 -8.02 6.33
CA LEU B 89 -11.84 -8.27 4.97
C LEU B 89 -12.45 -9.53 4.35
N ARG B 90 -12.90 -10.46 5.19
CA ARG B 90 -13.53 -11.69 4.71
C ARG B 90 -14.98 -11.47 4.26
N SER B 91 -15.58 -10.39 4.74
CA SER B 91 -17.00 -10.15 4.47
C SER B 91 -17.21 -8.95 3.53
N ALA B 92 -16.12 -8.26 3.23
CA ALA B 92 -16.23 -6.96 2.58
C ALA B 92 -16.72 -7.08 1.14
N TYR B 93 -16.28 -8.12 0.45
CA TYR B 93 -16.65 -8.29 -0.94
C TYR B 93 -18.15 -8.57 -1.13
N ASP B 94 -18.66 -9.65 -0.54
CA ASP B 94 -20.08 -9.99 -0.68
C ASP B 94 -21.00 -8.88 -0.20
N SER B 95 -20.71 -8.29 0.96
CA SER B 95 -21.59 -7.22 1.46
C SER B 95 -21.60 -5.99 0.54
N THR B 96 -20.46 -5.68 -0.06
CA THR B 96 -20.41 -4.53 -0.95
C THR B 96 -21.15 -4.85 -2.25
N MSE B 97 -20.94 -6.05 -2.79
CA MSE B 97 -21.66 -6.48 -3.97
C MSE B 97 -23.18 -6.43 -3.72
O MSE B 97 -23.94 -5.96 -4.55
CB MSE B 97 -21.22 -7.88 -4.41
CG MSE B 97 -19.81 -7.94 -4.98
SE MSE B 97 -19.53 -6.95 -6.66
CE MSE B 97 -20.12 -8.33 -7.91
N GLU B 98 -23.59 -6.91 -2.54
CA GLU B 98 -25.02 -6.95 -2.20
C GLU B 98 -25.60 -5.55 -2.07
N THR B 99 -24.82 -4.65 -1.48
CA THR B 99 -25.22 -3.25 -1.33
C THR B 99 -25.60 -2.63 -2.67
N MSE B 100 -24.82 -2.94 -3.70
CA MSE B 100 -25.06 -2.34 -5.01
C MSE B 100 -26.26 -2.92 -5.77
O MSE B 100 -26.52 -2.54 -6.91
CB MSE B 100 -23.77 -2.37 -5.86
CG MSE B 100 -22.69 -1.48 -5.26
SE MSE B 100 -21.11 -1.33 -6.39
CE MSE B 100 -20.31 -3.07 -6.08
N ASN B 101 -27.01 -3.81 -5.14
CA ASN B 101 -28.29 -4.23 -5.69
C ASN B 101 -29.42 -3.27 -5.29
N TYR B 102 -29.09 -2.29 -4.45
CA TYR B 102 -30.05 -1.29 -4.01
C TYR B 102 -29.65 0.08 -4.51
N ALA B 103 -30.41 0.59 -5.49
CA ALA B 103 -30.07 1.78 -6.23
C ALA B 103 -30.13 3.08 -5.43
N GLN B 104 -30.71 3.05 -4.24
CA GLN B 104 -30.73 4.27 -3.42
C GLN B 104 -29.31 4.61 -3.00
N ILE B 105 -28.48 3.58 -2.86
CA ILE B 105 -27.09 3.80 -2.43
C ILE B 105 -26.19 4.32 -3.57
N ARG B 106 -25.83 5.59 -3.48
CA ARG B 106 -24.99 6.23 -4.48
C ARG B 106 -23.50 6.27 -4.07
N THR B 107 -23.22 6.20 -2.78
CA THR B 107 -21.83 6.20 -2.31
C THR B 107 -21.56 5.10 -1.27
N ILE B 108 -20.49 4.35 -1.46
CA ILE B 108 -20.06 3.34 -0.49
C ILE B 108 -18.61 3.62 -0.05
N ALA B 109 -18.40 3.69 1.26
CA ALA B 109 -17.06 3.74 1.81
C ALA B 109 -16.72 2.34 2.25
N ILE B 110 -15.58 1.82 1.82
CA ILE B 110 -15.17 0.47 2.25
C ILE B 110 -13.94 0.58 3.13
N ILE B 111 -14.08 0.25 4.41
CA ILE B 111 -12.99 0.49 5.34
C ILE B 111 -11.86 -0.54 5.29
N ALA B 112 -12.22 -1.82 5.26
CA ALA B 112 -11.25 -2.91 5.43
C ALA B 112 -9.97 -2.83 4.60
N GLU B 113 -8.85 -3.13 5.25
CA GLU B 113 -7.60 -3.31 4.55
C GLU B 113 -7.42 -4.80 4.30
N GLY B 114 -6.81 -5.16 3.17
CA GLY B 114 -6.48 -6.55 2.91
C GLY B 114 -7.43 -7.33 2.01
N ILE B 115 -8.28 -6.62 1.27
CA ILE B 115 -9.16 -7.27 0.29
C ILE B 115 -8.34 -7.59 -0.95
N PRO B 116 -8.31 -8.86 -1.36
CA PRO B 116 -7.62 -9.23 -2.59
C PRO B 116 -7.92 -8.29 -3.75
N GLU B 117 -6.86 -7.92 -4.47
CA GLU B 117 -6.95 -7.05 -5.63
C GLU B 117 -7.99 -7.52 -6.66
N ALA B 118 -8.04 -8.82 -6.95
CA ALA B 118 -8.99 -9.34 -7.94
C ALA B 118 -10.44 -9.21 -7.49
N LEU B 119 -10.71 -9.20 -6.19
CA LEU B 119 -12.07 -8.95 -5.72
C LEU B 119 -12.39 -7.47 -5.87
N THR B 120 -11.44 -6.61 -5.55
CA THR B 120 -11.65 -5.18 -5.71
C THR B 120 -11.90 -4.80 -7.18
N ARG B 121 -11.26 -5.48 -8.13
CA ARG B 121 -11.53 -5.18 -9.54
C ARG B 121 -12.99 -5.44 -9.89
N LYS B 122 -13.56 -6.50 -9.32
CA LYS B 122 -14.99 -6.80 -9.51
C LYS B 122 -15.93 -5.82 -8.86
N LEU B 123 -15.56 -5.31 -7.67
CA LEU B 123 -16.33 -4.23 -7.04
C LEU B 123 -16.32 -2.99 -7.94
N ILE B 124 -15.14 -2.64 -8.45
CA ILE B 124 -15.01 -1.48 -9.32
C ILE B 124 -15.85 -1.66 -10.58
N LYS B 125 -15.76 -2.86 -11.16
CA LYS B 125 -16.51 -3.12 -12.36
C LYS B 125 -18.02 -2.91 -12.11
N LYS B 126 -18.55 -3.48 -11.04
CA LYS B 126 -19.98 -3.31 -10.77
C LYS B 126 -20.34 -1.86 -10.44
N ALA B 127 -19.51 -1.21 -9.62
CA ALA B 127 -19.72 0.19 -9.27
C ALA B 127 -19.75 1.10 -10.49
N ASP B 128 -18.78 0.95 -11.41
CA ASP B 128 -18.79 1.76 -12.62
C ASP B 128 -20.05 1.49 -13.44
N GLN B 129 -20.49 0.23 -13.49
CA GLN B 129 -21.75 -0.14 -14.16
C GLN B 129 -22.99 0.53 -13.54
N LYS B 130 -23.03 0.59 -12.21
CA LYS B 130 -24.23 1.06 -11.51
C LYS B 130 -24.23 2.55 -11.25
N GLY B 131 -23.11 3.22 -11.49
CA GLY B 131 -23.00 4.64 -11.21
C GLY B 131 -22.70 5.00 -9.75
N VAL B 132 -22.18 4.02 -9.02
CA VAL B 132 -21.94 4.14 -7.58
C VAL B 132 -20.49 4.56 -7.33
N THR B 133 -20.28 5.53 -6.45
CA THR B 133 -18.93 5.97 -6.13
C THR B 133 -18.38 5.18 -4.94
N ILE B 134 -17.21 4.58 -5.09
CA ILE B 134 -16.59 3.84 -4.00
C ILE B 134 -15.41 4.64 -3.48
N ILE B 135 -15.38 4.86 -2.17
CA ILE B 135 -14.21 5.42 -1.50
C ILE B 135 -13.53 4.29 -0.71
N GLY B 136 -12.29 3.96 -1.08
CA GLY B 136 -11.58 2.86 -0.47
C GLY B 136 -11.39 1.77 -1.49
N PRO B 137 -11.06 0.55 -1.05
CA PRO B 137 -10.94 0.01 0.30
C PRO B 137 -9.69 0.51 1.02
N ALA B 138 -9.41 -0.07 2.17
CA ALA B 138 -8.24 0.27 2.97
C ALA B 138 -8.14 1.78 3.19
N THR B 139 -9.24 2.38 3.65
CA THR B 139 -9.25 3.81 3.95
C THR B 139 -10.08 4.12 5.19
N VAL B 140 -9.69 5.18 5.90
CA VAL B 140 -10.49 5.67 7.01
C VAL B 140 -11.73 6.39 6.48
N GLY B 141 -11.64 6.87 5.23
CA GLY B 141 -12.81 7.43 4.57
C GLY B 141 -12.64 8.83 4.03
N GLY B 142 -13.04 9.82 4.82
CA GLY B 142 -13.09 11.18 4.34
C GLY B 142 -14.03 12.01 5.20
N ILE B 143 -14.06 13.31 4.94
CA ILE B 143 -14.85 14.17 5.78
C ILE B 143 -15.33 15.40 5.01
N LYS B 144 -16.57 15.80 5.28
CA LYS B 144 -17.12 17.02 4.72
C LYS B 144 -17.65 17.93 5.81
N PRO B 145 -16.83 18.86 6.30
CA PRO B 145 -17.16 19.74 7.43
C PRO B 145 -18.56 20.36 7.32
N GLY B 146 -19.28 20.34 8.43
CA GLY B 146 -20.64 20.85 8.45
C GLY B 146 -21.66 19.86 7.92
N CYS B 147 -21.21 18.73 7.35
CA CYS B 147 -22.17 17.86 6.65
C CYS B 147 -22.16 16.39 7.05
N PHE B 148 -20.99 15.78 6.96
CA PHE B 148 -20.88 14.34 7.06
C PHE B 148 -19.44 13.94 7.31
N LYS B 149 -19.28 12.91 8.11
CA LYS B 149 -17.95 12.40 8.39
C LYS B 149 -18.05 10.88 8.29
N ILE B 150 -17.12 10.27 7.56
CA ILE B 150 -17.11 8.82 7.37
C ILE B 150 -16.40 8.11 8.53
N GLY B 151 -17.17 7.38 9.33
CA GLY B 151 -16.60 6.53 10.37
C GLY B 151 -15.66 7.30 11.29
N ASN B 152 -14.43 6.81 11.41
CA ASN B 152 -13.45 7.40 12.32
C ASN B 152 -12.68 8.62 11.80
N THR B 153 -13.02 9.09 10.60
CA THR B 153 -12.22 10.16 9.99
C THR B 153 -12.22 11.43 10.84
N GLY B 154 -11.05 12.02 11.05
CA GLY B 154 -10.98 13.27 11.79
C GLY B 154 -10.86 13.13 13.29
N GLY B 155 -10.71 11.89 13.76
CA GLY B 155 -10.42 11.64 15.17
C GLY B 155 -11.49 12.06 16.17
N MSE B 156 -11.02 12.46 17.36
CA MSE B 156 -11.90 12.86 18.46
C MSE B 156 -12.41 14.28 18.30
O MSE B 156 -11.85 15.07 17.53
CB MSE B 156 -11.13 12.75 19.79
CG MSE B 156 -10.86 11.32 20.27
SE MSE B 156 -9.71 11.34 21.86
CE MSE B 156 -9.94 9.46 22.39
N LEU B 157 -13.49 14.61 19.02
CA LEU B 157 -14.06 15.96 19.00
C LEU B 157 -13.02 17.02 19.27
N ASP B 158 -12.06 16.67 20.12
CA ASP B 158 -10.89 17.47 20.40
C ASP B 158 -10.27 17.91 19.08
N ASN B 159 -10.10 16.96 18.18
CA ASN B 159 -9.44 17.24 16.90
C ASN B 159 -10.41 17.94 15.97
N ILE B 160 -11.65 17.47 15.95
CA ILE B 160 -12.71 18.08 15.16
C ILE B 160 -12.78 19.58 15.49
N LEU B 161 -12.70 19.92 16.77
CA LEU B 161 -12.80 21.32 17.18
C LEU B 161 -11.55 22.13 16.86
N ALA B 162 -10.38 21.57 17.13
CA ALA B 162 -9.13 22.30 16.92
C ALA B 162 -8.93 22.67 15.45
N SER B 163 -9.32 21.78 14.54
CA SER B 163 -9.15 22.04 13.12
C SER B 163 -10.43 22.56 12.49
N LYS B 164 -11.37 22.97 13.33
CA LYS B 164 -12.61 23.59 12.88
C LYS B 164 -13.34 22.84 11.77
N LEU B 165 -13.43 21.52 11.88
CA LEU B 165 -14.08 20.71 10.89
C LEU B 165 -15.60 20.66 11.12
N TYR B 166 -16.09 21.49 12.05
CA TYR B 166 -17.52 21.59 12.31
C TYR B 166 -18.20 22.64 11.42
N ARG B 167 -17.43 23.36 10.60
CA ARG B 167 -18.01 24.23 9.58
C ARG B 167 -17.11 24.32 8.35
N PRO B 168 -17.72 24.54 7.17
CA PRO B 168 -17.03 24.54 5.86
C PRO B 168 -16.04 25.68 5.69
N GLY B 169 -14.99 25.39 4.93
CA GLY B 169 -14.12 26.41 4.36
C GLY B 169 -14.18 26.25 2.85
N SER B 170 -13.14 26.71 2.16
CA SER B 170 -13.13 26.73 0.71
C SER B 170 -12.13 25.76 0.05
N VAL B 171 -11.42 24.96 0.85
CA VAL B 171 -10.36 24.13 0.31
C VAL B 171 -10.73 22.65 0.24
N ALA B 172 -10.74 22.05 -0.94
CA ALA B 172 -10.95 20.59 -1.02
C ALA B 172 -9.61 19.87 -1.18
N TYR B 173 -9.54 18.62 -0.72
CA TYR B 173 -8.31 17.83 -0.83
C TYR B 173 -8.57 16.36 -1.09
N VAL B 174 -7.60 15.71 -1.72
CA VAL B 174 -7.62 14.25 -1.83
C VAL B 174 -6.20 13.72 -1.56
N SER B 175 -6.11 12.54 -0.93
CA SER B 175 -4.84 11.84 -0.73
C SER B 175 -5.11 10.34 -0.65
N ARG B 176 -4.06 9.52 -0.63
CA ARG B 176 -4.25 8.09 -0.39
C ARG B 176 -4.47 7.82 1.11
N SER B 177 -3.64 8.46 1.94
CA SER B 177 -3.60 8.23 3.39
C SER B 177 -4.60 9.01 4.23
N GLY B 178 -5.17 8.34 5.24
CA GLY B 178 -5.96 9.01 6.24
C GLY B 178 -5.03 9.54 7.32
N GLY B 179 -3.89 8.87 7.49
CA GLY B 179 -2.82 9.36 8.35
C GLY B 179 -2.51 10.76 7.91
N MSE B 180 -2.31 10.93 6.60
CA MSE B 180 -1.99 12.23 6.05
C MSE B 180 -3.22 13.13 5.89
O MSE B 180 -3.07 14.36 5.82
CB MSE B 180 -1.16 12.11 4.77
CG MSE B 180 0.23 11.53 4.99
SE MSE B 180 1.26 12.56 6.35
CE MSE B 180 1.38 14.23 5.32
N SER B 181 -4.42 12.54 5.81
CA SER B 181 -5.68 13.30 5.75
C SER B 181 -5.84 14.23 6.94
N ASN B 182 -5.61 13.68 8.12
CA ASN B 182 -5.69 14.48 9.34
C ASN B 182 -4.66 15.59 9.37
N GLU B 183 -3.46 15.31 8.86
CA GLU B 183 -2.46 16.36 8.77
C GLU B 183 -2.90 17.44 7.81
N LEU B 184 -3.56 17.02 6.74
CA LEU B 184 -4.06 18.00 5.79
C LEU B 184 -5.15 18.85 6.44
N ASN B 185 -5.99 18.24 7.29
CA ASN B 185 -7.04 19.00 7.98
C ASN B 185 -6.37 20.11 8.79
N ASN B 186 -5.33 19.72 9.52
CA ASN B 186 -4.60 20.62 10.39
C ASN B 186 -3.90 21.72 9.60
N ILE B 187 -3.17 21.34 8.55
CA ILE B 187 -2.45 22.35 7.78
C ILE B 187 -3.43 23.32 7.13
N ILE B 188 -4.49 22.79 6.53
CA ILE B 188 -5.44 23.64 5.84
C ILE B 188 -6.17 24.58 6.79
N SER B 189 -6.53 24.11 7.99
CA SER B 189 -7.27 24.99 8.91
C SER B 189 -6.40 26.11 9.52
N ARG B 190 -5.09 25.92 9.55
CA ARG B 190 -4.22 26.97 10.09
C ARG B 190 -3.80 28.00 9.06
N THR B 191 -4.07 27.73 7.78
CA THR B 191 -3.55 28.56 6.70
C THR B 191 -4.65 29.11 5.79
N THR B 192 -5.88 28.63 5.94
CA THR B 192 -6.97 29.07 5.07
C THR B 192 -8.24 29.23 5.89
N ASP B 193 -9.38 29.41 5.23
CA ASP B 193 -10.65 29.39 5.92
C ASP B 193 -11.10 27.96 6.30
N GLY B 194 -10.33 26.95 5.90
CA GLY B 194 -10.63 25.59 6.29
C GLY B 194 -11.03 24.61 5.19
N VAL B 195 -11.19 23.35 5.56
CA VAL B 195 -11.51 22.28 4.60
C VAL B 195 -12.95 22.40 4.15
N TYR B 196 -13.20 22.20 2.85
CA TYR B 196 -14.56 22.13 2.33
C TYR B 196 -14.99 20.67 2.27
N GLU B 197 -14.11 19.85 1.70
CA GLU B 197 -14.29 18.41 1.65
C GLU B 197 -12.90 17.76 1.54
N GLY B 198 -12.72 16.60 2.17
CA GLY B 198 -11.48 15.86 2.09
C GLY B 198 -11.79 14.40 1.85
N VAL B 199 -11.04 13.74 1.00
CA VAL B 199 -11.26 12.32 0.78
C VAL B 199 -9.93 11.57 0.85
N ALA B 200 -9.95 10.38 1.43
CA ALA B 200 -8.79 9.52 1.39
C ALA B 200 -9.16 8.31 0.57
N ILE B 201 -8.54 8.15 -0.60
CA ILE B 201 -8.94 7.06 -1.51
C ILE B 201 -8.40 5.68 -1.09
N GLY B 202 -7.53 5.64 -0.10
CA GLY B 202 -7.07 4.37 0.41
C GLY B 202 -5.81 3.93 -0.30
N GLY B 203 -5.14 2.92 0.25
CA GLY B 203 -3.82 2.58 -0.27
C GLY B 203 -3.73 1.36 -1.17
N ASP B 204 -4.86 0.78 -1.55
CA ASP B 204 -4.77 -0.45 -2.34
C ASP B 204 -4.30 -0.19 -3.77
N ARG B 205 -3.90 -1.24 -4.47
CA ARG B 205 -3.41 -1.08 -5.84
C ARG B 205 -4.48 -0.49 -6.77
N TYR B 206 -5.72 -0.95 -6.64
CA TYR B 206 -6.81 -0.40 -7.43
C TYR B 206 -7.84 0.26 -6.52
N PRO B 207 -7.71 1.58 -6.30
CA PRO B 207 -8.70 2.26 -5.46
C PRO B 207 -10.06 2.27 -6.16
N GLY B 208 -11.14 2.23 -5.38
CA GLY B 208 -12.48 2.32 -5.92
C GLY B 208 -12.69 3.62 -6.67
N SER B 209 -12.12 4.71 -6.17
CA SER B 209 -12.14 6.00 -6.85
C SER B 209 -10.74 6.61 -6.82
N THR B 210 -10.39 7.39 -7.84
CA THR B 210 -9.03 7.89 -8.02
C THR B 210 -8.90 9.36 -7.69
N PHE B 211 -7.68 9.87 -7.70
CA PHE B 211 -7.43 11.28 -7.47
C PHE B 211 -8.28 12.10 -8.44
N MSE B 212 -8.27 11.69 -9.70
CA MSE B 212 -8.91 12.48 -10.75
C MSE B 212 -10.44 12.46 -10.60
O MSE B 212 -11.10 13.46 -10.82
CB MSE B 212 -8.48 12.00 -12.14
CG MSE B 212 -8.97 12.89 -13.28
SE MSE B 212 -8.34 14.73 -13.09
CE MSE B 212 -9.00 15.36 -14.84
N ASP B 213 -10.99 11.33 -10.20
CA ASP B 213 -12.42 11.26 -9.87
C ASP B 213 -12.83 12.41 -8.94
N HIS B 214 -12.09 12.59 -7.84
CA HIS B 214 -12.46 13.62 -6.88
C HIS B 214 -12.10 15.04 -7.30
N VAL B 215 -10.97 15.21 -7.96
CA VAL B 215 -10.59 16.53 -8.44
C VAL B 215 -11.68 17.06 -9.40
N LEU B 216 -12.22 16.17 -10.22
CA LEU B 216 -13.33 16.55 -11.10
C LEU B 216 -14.54 17.01 -10.29
N ARG B 217 -14.95 16.23 -9.29
CA ARG B 217 -16.07 16.65 -8.44
C ARG B 217 -15.78 18.04 -7.90
N TYR B 218 -14.57 18.26 -7.41
CA TYR B 218 -14.23 19.53 -6.77
C TYR B 218 -14.30 20.65 -7.79
N GLN B 219 -13.85 20.35 -9.00
CA GLN B 219 -13.88 21.32 -10.08
C GLN B 219 -15.34 21.73 -10.35
N ASP B 220 -16.27 20.79 -10.21
CA ASP B 220 -17.69 21.03 -10.49
C ASP B 220 -18.52 21.41 -9.26
N THR B 221 -17.87 21.73 -8.15
CA THR B 221 -18.54 22.15 -6.93
C THR B 221 -18.27 23.61 -6.63
N PRO B 222 -19.26 24.48 -6.85
CA PRO B 222 -19.11 25.94 -6.65
C PRO B 222 -18.47 26.34 -5.32
N GLY B 223 -18.86 25.71 -4.22
CA GLY B 223 -18.27 26.00 -2.92
C GLY B 223 -16.77 25.79 -2.84
N VAL B 224 -16.21 24.94 -3.72
CA VAL B 224 -14.78 24.70 -3.67
C VAL B 224 -14.08 25.80 -4.46
N LYS B 225 -13.14 26.48 -3.82
CA LYS B 225 -12.39 27.55 -4.48
C LYS B 225 -10.94 27.17 -4.82
N MSE B 226 -10.39 26.17 -4.14
CA MSE B 226 -9.04 25.67 -4.44
C MSE B 226 -8.91 24.23 -4.01
O MSE B 226 -9.63 23.76 -3.13
CB MSE B 226 -7.95 26.53 -3.80
CG MSE B 226 -8.20 26.87 -2.34
SE MSE B 226 -6.72 27.80 -1.46
CE MSE B 226 -5.31 26.47 -1.78
N ILE B 227 -7.96 23.53 -4.61
CA ILE B 227 -7.83 22.09 -4.45
C ILE B 227 -6.42 21.73 -4.03
N VAL B 228 -6.30 20.82 -3.08
CA VAL B 228 -5.00 20.34 -2.65
C VAL B 228 -4.93 18.84 -2.86
N VAL B 229 -3.86 18.37 -3.50
CA VAL B 229 -3.67 16.94 -3.72
C VAL B 229 -2.33 16.53 -3.13
N LEU B 230 -2.34 15.54 -2.26
CA LEU B 230 -1.08 14.99 -1.78
C LEU B 230 -0.86 13.68 -2.51
N GLY B 231 0.02 13.72 -3.52
CA GLY B 231 0.26 12.59 -4.40
C GLY B 231 1.40 11.73 -3.89
N GLU B 232 1.88 10.81 -4.72
CA GLU B 232 2.90 9.88 -4.26
C GLU B 232 3.62 9.18 -5.41
N ILE B 233 4.88 8.81 -5.17
CA ILE B 233 5.67 8.05 -6.12
C ILE B 233 4.87 6.82 -6.50
N GLY B 234 4.95 6.41 -7.76
CA GLY B 234 4.28 5.20 -8.20
C GLY B 234 3.00 5.48 -8.98
N GLY B 235 2.84 4.80 -10.11
CA GLY B 235 1.70 5.01 -10.99
C GLY B 235 1.73 6.37 -11.66
N THR B 236 0.77 6.62 -12.56
CA THR B 236 0.76 7.86 -13.33
C THR B 236 -0.50 8.70 -13.09
N GLU B 237 -1.18 8.44 -11.98
CA GLU B 237 -2.46 9.09 -11.72
C GLU B 237 -2.37 10.62 -11.81
N GLU B 238 -1.31 11.18 -11.24
CA GLU B 238 -1.23 12.64 -11.18
C GLU B 238 -1.13 13.29 -12.55
N TYR B 239 -0.68 12.54 -13.56
CA TYR B 239 -0.57 13.12 -14.90
C TYR B 239 -1.94 13.43 -15.48
N LYS B 240 -2.97 12.74 -15.01
CA LYS B 240 -4.33 13.03 -15.45
C LYS B 240 -4.74 14.44 -15.03
N ILE B 241 -4.17 14.93 -13.93
CA ILE B 241 -4.38 16.32 -13.53
C ILE B 241 -3.76 17.32 -14.52
N CYS B 242 -2.49 17.10 -14.88
CA CYS B 242 -1.83 17.88 -15.93
C CYS B 242 -2.65 17.99 -17.19
N ARG B 243 -3.07 16.85 -17.71
CA ARG B 243 -3.86 16.84 -18.94
C ARG B 243 -5.18 17.61 -18.77
N GLY B 244 -5.82 17.44 -17.61
CA GLY B 244 -7.06 18.14 -17.33
C GLY B 244 -6.90 19.64 -17.39
N ILE B 245 -5.80 20.15 -16.84
CA ILE B 245 -5.51 21.58 -16.90
C ILE B 245 -5.19 22.03 -18.34
N LYS B 246 -4.33 21.27 -19.01
CA LYS B 246 -3.98 21.62 -20.38
C LYS B 246 -5.19 21.57 -21.31
N GLU B 247 -6.08 20.60 -21.09
CA GLU B 247 -7.29 20.52 -21.90
C GLU B 247 -8.35 21.54 -21.50
N GLY B 248 -8.10 22.26 -20.41
CA GLY B 248 -9.04 23.26 -19.93
C GLY B 248 -10.23 22.70 -19.16
N ARG B 249 -10.21 21.42 -18.82
CA ARG B 249 -11.26 20.86 -17.97
C ARG B 249 -11.12 21.36 -16.53
N LEU B 250 -9.87 21.53 -16.10
CA LEU B 250 -9.57 21.94 -14.75
C LEU B 250 -9.06 23.38 -14.72
N THR B 251 -9.76 24.26 -14.01
CA THR B 251 -9.44 25.69 -14.04
C THR B 251 -9.15 26.30 -12.67
N LYS B 252 -9.63 25.68 -11.58
CA LYS B 252 -9.39 26.25 -10.26
C LYS B 252 -7.96 26.05 -9.83
N PRO B 253 -7.46 26.89 -8.92
CA PRO B 253 -6.09 26.71 -8.46
C PRO B 253 -5.90 25.33 -7.82
N ILE B 254 -4.84 24.64 -8.22
CA ILE B 254 -4.54 23.34 -7.65
C ILE B 254 -3.16 23.35 -7.05
N VAL B 255 -3.09 22.91 -5.80
CA VAL B 255 -1.82 22.72 -5.12
C VAL B 255 -1.56 21.24 -5.07
N CYS B 256 -0.35 20.82 -5.42
CA CYS B 256 -0.02 19.41 -5.35
C CYS B 256 1.41 19.21 -4.90
N TRP B 257 1.61 18.25 -4.01
CA TRP B 257 2.95 17.80 -3.67
C TRP B 257 2.94 16.29 -3.65
N CYS B 258 3.88 15.65 -4.36
CA CYS B 258 3.99 14.19 -4.34
C CYS B 258 5.09 13.72 -3.38
N ILE B 259 4.72 12.89 -2.41
CA ILE B 259 5.73 12.38 -1.49
C ILE B 259 6.51 11.24 -2.11
N GLY B 260 7.65 10.91 -1.52
CA GLY B 260 8.48 9.83 -1.99
C GLY B 260 9.66 10.31 -2.82
N THR B 261 10.06 11.56 -2.64
CA THR B 261 11.15 12.13 -3.43
C THR B 261 12.49 11.44 -3.19
N CYS B 262 12.64 10.84 -2.00
CA CYS B 262 13.93 10.27 -1.64
C CYS B 262 14.07 8.79 -1.96
N ALA B 263 13.05 8.19 -2.56
CA ALA B 263 13.21 6.81 -3.05
C ALA B 263 14.33 6.72 -4.10
N THR B 264 15.53 6.41 -3.61
CA THR B 264 16.70 6.17 -4.44
C THR B 264 17.46 4.95 -3.94
N GLN B 281 9.08 2.76 -13.33
CA GLN B 281 9.35 3.61 -14.51
C GLN B 281 9.65 5.07 -14.16
N ALA B 282 10.47 5.72 -14.98
CA ALA B 282 10.97 7.07 -14.73
C ALA B 282 9.89 8.16 -14.48
N SER B 283 8.82 8.11 -15.26
CA SER B 283 7.75 9.09 -15.14
C SER B 283 6.97 8.89 -13.83
N GLU B 284 7.14 7.73 -13.20
CA GLU B 284 6.41 7.42 -11.97
C GLU B 284 7.02 7.95 -10.66
N THR B 285 8.19 8.58 -10.74
CA THR B 285 8.83 9.12 -9.55
C THR B 285 8.12 10.38 -9.04
N ALA B 286 8.18 10.63 -7.74
CA ALA B 286 7.62 11.84 -7.17
C ALA B 286 8.30 13.05 -7.78
N VAL B 287 9.62 12.96 -7.93
CA VAL B 287 10.41 14.05 -8.54
C VAL B 287 9.88 14.46 -9.90
N ALA B 288 9.77 13.50 -10.81
CA ALA B 288 9.26 13.75 -12.16
C ALA B 288 7.84 14.29 -12.14
N LYS B 289 6.99 13.70 -11.30
CA LYS B 289 5.61 14.14 -11.20
C LYS B 289 5.53 15.56 -10.67
N ASN B 290 6.26 15.83 -9.60
CA ASN B 290 6.30 17.19 -9.07
C ASN B 290 6.70 18.21 -10.15
N GLN B 291 7.72 17.86 -10.94
CA GLN B 291 8.26 18.81 -11.92
C GLN B 291 7.25 19.05 -13.05
N ALA B 292 6.61 17.99 -13.52
CA ALA B 292 5.65 18.09 -14.62
C ALA B 292 4.38 18.81 -14.21
N LEU B 293 3.90 18.57 -12.99
CA LEU B 293 2.73 19.27 -12.52
C LEU B 293 3.06 20.76 -12.50
N LYS B 294 4.24 21.09 -11.99
CA LYS B 294 4.64 22.49 -11.86
C LYS B 294 4.65 23.21 -13.22
N GLU B 295 5.29 22.58 -14.20
CA GLU B 295 5.32 23.15 -15.55
C GLU B 295 3.93 23.34 -16.14
N ALA B 296 2.97 22.54 -15.68
CA ALA B 296 1.59 22.64 -16.18
C ALA B 296 0.82 23.75 -15.50
N GLY B 297 1.44 24.40 -14.51
CA GLY B 297 0.78 25.47 -13.79
C GLY B 297 0.14 25.04 -12.48
N VAL B 298 0.47 23.84 -12.00
CA VAL B 298 0.03 23.47 -10.66
C VAL B 298 0.96 24.18 -9.68
N PHE B 299 0.39 24.71 -8.60
CA PHE B 299 1.20 25.25 -7.50
C PHE B 299 1.89 24.11 -6.72
N VAL B 300 3.17 23.91 -6.98
CA VAL B 300 3.93 22.83 -6.33
C VAL B 300 5.01 23.44 -5.45
N PRO B 301 5.03 23.07 -4.15
CA PRO B 301 6.04 23.60 -3.22
C PRO B 301 7.41 22.97 -3.44
N ARG B 302 8.46 23.60 -2.90
CA ARG B 302 9.80 23.06 -3.05
C ARG B 302 9.92 21.73 -2.34
N SER B 303 9.07 21.54 -1.34
CA SER B 303 9.10 20.34 -0.52
C SER B 303 7.90 20.33 0.41
N PHE B 304 7.67 19.21 1.07
CA PHE B 304 6.56 19.15 2.02
C PHE B 304 6.68 20.26 3.05
N ASP B 305 7.93 20.59 3.39
CA ASP B 305 8.20 21.56 4.44
C ASP B 305 7.63 22.93 4.10
N GLU B 306 7.35 23.18 2.82
CA GLU B 306 6.77 24.44 2.38
C GLU B 306 5.33 24.29 1.88
N LEU B 307 4.74 23.11 2.10
CA LEU B 307 3.39 22.87 1.61
C LEU B 307 2.38 23.87 2.21
N GLY B 308 2.46 24.08 3.52
CA GLY B 308 1.57 24.99 4.21
C GLY B 308 1.71 26.41 3.67
N GLU B 309 2.96 26.83 3.50
CA GLU B 309 3.26 28.18 2.99
C GLU B 309 2.60 28.43 1.67
N ILE B 310 2.71 27.49 0.75
CA ILE B 310 2.19 27.72 -0.60
C ILE B 310 0.67 27.64 -0.59
N ILE B 311 0.11 26.73 0.22
CA ILE B 311 -1.34 26.72 0.37
C ILE B 311 -1.77 28.11 0.84
N GLN B 312 -1.09 28.64 1.86
CA GLN B 312 -1.51 29.90 2.44
C GLN B 312 -1.41 31.01 1.41
N SER B 313 -0.31 30.98 0.66
CA SER B 313 -0.05 31.95 -0.39
C SER B 313 -1.13 31.97 -1.48
N VAL B 314 -1.51 30.79 -1.98
CA VAL B 314 -2.59 30.69 -2.95
C VAL B 314 -3.92 31.17 -2.36
N TYR B 315 -4.15 30.87 -1.08
CA TYR B 315 -5.38 31.28 -0.40
C TYR B 315 -5.48 32.81 -0.28
N GLU B 316 -4.40 33.44 0.16
CA GLU B 316 -4.38 34.88 0.35
C GLU B 316 -4.62 35.64 -0.96
N ASP B 317 -4.14 35.06 -2.05
CA ASP B 317 -4.39 35.62 -3.38
C ASP B 317 -5.86 35.49 -3.75
N LEU B 318 -6.49 34.39 -3.38
CA LEU B 318 -7.89 34.23 -3.72
C LEU B 318 -8.76 35.14 -2.87
N VAL B 319 -8.33 35.42 -1.64
CA VAL B 319 -9.05 36.36 -0.78
C VAL B 319 -8.93 37.80 -1.31
N ALA B 320 -7.70 38.18 -1.70
CA ALA B 320 -7.46 39.52 -2.25
C ALA B 320 -8.29 39.78 -3.51
N ASN B 321 -8.44 38.76 -4.35
CA ASN B 321 -9.18 38.89 -5.60
C ASN B 321 -10.68 38.67 -5.43
N GLY B 322 -11.13 38.56 -4.19
CA GLY B 322 -12.56 38.38 -3.92
C GLY B 322 -13.12 37.00 -4.28
N VAL B 323 -12.27 36.06 -4.66
CA VAL B 323 -12.73 34.72 -4.99
C VAL B 323 -13.18 33.94 -3.74
N ILE B 324 -12.42 34.07 -2.66
CA ILE B 324 -12.81 33.54 -1.37
C ILE B 324 -13.17 34.68 -0.44
N VAL B 325 -14.39 34.63 0.09
CA VAL B 325 -14.87 35.58 1.07
C VAL B 325 -15.05 34.83 2.39
N PRO B 326 -14.07 34.93 3.29
CA PRO B 326 -14.05 34.18 4.55
C PRO B 326 -15.29 34.41 5.40
N ALA B 327 -16.08 33.37 5.61
CA ALA B 327 -17.26 33.46 6.47
C ALA B 327 -16.84 33.88 7.88
N GLN B 328 -17.81 34.29 8.68
CA GLN B 328 -17.53 34.72 10.05
C GLN B 328 -17.59 33.51 10.98
N GLU B 329 -16.60 33.39 11.86
CA GLU B 329 -16.60 32.31 12.85
C GLU B 329 -17.80 32.39 13.80
N VAL B 330 -18.63 31.35 13.78
CA VAL B 330 -19.69 31.20 14.77
C VAL B 330 -19.31 30.05 15.70
N PRO B 331 -19.38 30.29 17.02
CA PRO B 331 -18.98 29.20 17.93
C PRO B 331 -19.90 28.00 17.72
N PRO B 332 -19.40 26.79 18.02
CA PRO B 332 -20.21 25.57 17.86
C PRO B 332 -21.06 25.29 19.09
N PRO B 333 -22.16 24.56 18.91
CA PRO B 333 -23.01 24.06 19.99
C PRO B 333 -22.22 23.20 20.97
N THR B 334 -22.69 23.19 22.21
CA THR B 334 -22.19 22.30 23.28
C THR B 334 -21.06 21.38 22.82
C1 CIT C . -1.18 7.44 12.96
O1 CIT C . -0.73 6.80 13.95
O2 CIT C . -1.07 8.69 12.82
C2 CIT C . -1.62 6.66 11.74
C3 CIT C . -2.66 5.59 12.11
O7 CIT C . -1.98 4.54 12.82
C4 CIT C . -3.26 5.10 10.78
C5 CIT C . -3.00 3.62 10.54
O3 CIT C . -1.95 3.33 9.91
O4 CIT C . -3.98 2.84 10.65
C6 CIT C . -3.79 6.19 12.97
O5 CIT C . -4.66 6.90 12.42
O6 CIT C . -3.97 5.56 14.05
#